data_7PND
#
_entry.id   7PND
#
_cell.length_a   68.72
_cell.length_b   82.74
_cell.length_c   158.9
_cell.angle_alpha   90
_cell.angle_beta   90
_cell.angle_gamma   90
#
_symmetry.space_group_name_H-M   'P 21 21 21'
#
loop_
_entity.id
_entity.type
_entity.pdbx_description
1 polymer BFT-3
2 non-polymer 'ZINC ION'
3 non-polymer 'MAGNESIUM ION'
4 non-polymer 'DIMETHYL SULFOXIDE'
5 non-polymer PROLINE
6 non-polymer 'FORMIC ACID'
7 water water
#
_entity_poly.entity_id   1
_entity_poly.type   'polypeptide(L)'
_entity_poly.pdbx_seq_one_letter_code
;MGSSHHHHHHSSGENLYFQGAMACSNEADSLTTSIDAPVTASIDLQSVSYTDLATQLNDVSDFGKMIILKDNGFNRQVHV
SMDKRTKIQLDNENVRLFNGRDKDSTNFILGDEFAVLRFYRNGESISYIAYKEAQMMNEIAEFYAAPFKKTRAINEKEAF
ECIYDSRTRSAGKYPVSVKINVDKAKKILNLPECDYINDYIKTPQVPHGITESQTRAVPSEPKTVYVICLRENGSTVYPN
EVSAQMQDAANSVYAVHGLKRYVNLHFVLYTTEYACPSGNADEGLDGFTASLKANPKAEGYDDQIYFLIRWGTWDNNILG
ISWLNSYNVNTASDFKASGMSTTQLMYPGVMAHELGHILGANHADDPKDLMYSKYTGYLFHLSEKNMDIIAKNLGWEIAD
GD
;
_entity_poly.pdbx_strand_id   A,B
#
# COMPACT_ATOMS: atom_id res chain seq x y z
N VAL A 39 -27.40 4.31 2.39
CA VAL A 39 -27.16 4.07 3.82
C VAL A 39 -25.67 4.26 4.12
N THR A 40 -25.38 4.90 5.27
CA THR A 40 -24.02 5.17 5.68
C THR A 40 -23.29 3.86 5.95
N ALA A 41 -22.05 3.74 5.46
CA ALA A 41 -21.19 2.57 5.68
C ALA A 41 -21.02 2.29 7.17
N SER A 42 -20.90 1.02 7.55
CA SER A 42 -20.74 0.68 8.95
C SER A 42 -19.83 -0.52 9.16
N ILE A 43 -19.26 -0.60 10.34
CA ILE A 43 -18.43 -1.69 10.77
C ILE A 43 -19.07 -2.26 12.01
N ASP A 44 -19.47 -3.51 11.95
CA ASP A 44 -20.08 -4.18 13.07
C ASP A 44 -18.99 -4.82 13.90
N LEU A 45 -18.68 -4.23 15.05
CA LEU A 45 -17.62 -4.72 15.93
C LEU A 45 -17.95 -6.06 16.60
N GLN A 46 -19.20 -6.55 16.51
CA GLN A 46 -19.53 -7.87 17.01
C GLN A 46 -19.09 -8.97 16.04
N SER A 47 -18.69 -8.62 14.80
CA SER A 47 -18.25 -9.63 13.83
C SER A 47 -17.16 -9.11 12.90
N VAL A 48 -16.47 -8.02 13.25
CA VAL A 48 -15.50 -7.38 12.38
C VAL A 48 -14.33 -8.30 12.02
N SER A 49 -14.12 -8.46 10.72
CA SER A 49 -13.06 -9.29 10.19
C SER A 49 -12.06 -8.42 9.41
N TYR A 50 -10.96 -9.04 8.93
CA TYR A 50 -10.01 -8.33 8.10
C TYR A 50 -10.71 -7.80 6.82
N THR A 51 -11.51 -8.64 6.15
CA THR A 51 -12.15 -8.21 4.90
C THR A 51 -13.14 -7.09 5.16
N ASP A 52 -13.82 -7.04 6.32
CA ASP A 52 -14.71 -5.91 6.65
C ASP A 52 -13.91 -4.60 6.70
N LEU A 53 -12.78 -4.61 7.42
CA LEU A 53 -11.97 -3.42 7.57
C LEU A 53 -11.31 -3.05 6.26
N ALA A 54 -10.77 -4.03 5.53
CA ALA A 54 -10.10 -3.77 4.26
C ALA A 54 -11.07 -3.18 3.25
N THR A 55 -12.27 -3.75 3.09
CA THR A 55 -13.22 -3.23 2.08
C THR A 55 -13.64 -1.80 2.42
N GLN A 56 -13.81 -1.49 3.71
CA GLN A 56 -14.20 -0.13 4.10
C GLN A 56 -13.05 0.85 3.90
N LEU A 57 -11.87 0.54 4.40
CA LEU A 57 -10.72 1.43 4.34
C LEU A 57 -10.21 1.62 2.92
N ASN A 58 -10.27 0.55 2.11
CA ASN A 58 -9.85 0.66 0.70
C ASN A 58 -10.83 1.53 -0.10
N ASP A 59 -12.04 1.78 0.42
CA ASP A 59 -13.01 2.64 -0.25
C ASP A 59 -12.81 4.13 0.12
N VAL A 60 -11.95 4.44 1.10
CA VAL A 60 -11.72 5.79 1.54
C VAL A 60 -10.97 6.57 0.47
N SER A 61 -11.64 7.56 -0.12
CA SER A 61 -11.03 8.38 -1.15
C SER A 61 -10.37 9.63 -0.53
N ASP A 62 -9.86 10.54 -1.38
CA ASP A 62 -9.23 11.79 -0.94
C ASP A 62 -10.12 12.66 -0.08
N PHE A 63 -11.41 12.55 -0.26
CA PHE A 63 -12.37 13.35 0.49
C PHE A 63 -12.89 12.66 1.76
N GLY A 64 -12.34 11.50 2.09
CA GLY A 64 -12.73 10.79 3.31
C GLY A 64 -14.06 10.10 3.19
N LYS A 65 -14.42 9.40 4.24
CA LYS A 65 -15.64 8.62 4.24
C LYS A 65 -16.23 8.55 5.63
N MET A 66 -17.56 8.70 5.75
CA MET A 66 -18.22 8.51 7.03
C MET A 66 -18.40 7.02 7.25
N ILE A 67 -18.01 6.52 8.41
CA ILE A 67 -18.19 5.12 8.75
C ILE A 67 -18.76 5.06 10.16
N ILE A 68 -19.84 4.30 10.36
CA ILE A 68 -20.42 4.14 11.68
C ILE A 68 -19.83 2.90 12.34
N LEU A 69 -19.19 3.08 13.50
CA LEU A 69 -18.68 1.96 14.27
C LEU A 69 -19.82 1.50 15.13
N LYS A 70 -20.23 0.24 15.04
CA LYS A 70 -21.36 -0.27 15.82
C LYS A 70 -20.97 -1.43 16.72
N ASP A 71 -21.40 -1.42 17.97
CA ASP A 71 -21.11 -2.51 18.91
C ASP A 71 -22.33 -2.71 19.79
N ASN A 72 -23.30 -3.47 19.28
CA ASN A 72 -24.58 -3.68 19.92
C ASN A 72 -25.28 -2.27 20.00
N GLY A 73 -25.57 -1.73 21.19
CA GLY A 73 -26.19 -0.41 21.28
C GLY A 73 -25.25 0.77 21.06
N PHE A 74 -23.95 0.55 21.18
CA PHE A 74 -22.93 1.59 20.97
C PHE A 74 -22.81 1.94 19.50
N ASN A 75 -22.81 3.23 19.17
CA ASN A 75 -22.66 3.70 17.79
C ASN A 75 -21.82 4.97 17.75
N ARG A 76 -20.75 5.02 16.91
CA ARG A 76 -19.94 6.23 16.73
C ARG A 76 -19.76 6.50 15.25
N GLN A 77 -20.18 7.67 14.76
CA GLN A 77 -19.94 8.00 13.36
C GLN A 77 -18.56 8.63 13.32
N VAL A 78 -17.66 8.08 12.50
CA VAL A 78 -16.31 8.61 12.37
C VAL A 78 -16.09 9.06 10.92
N HIS A 79 -15.34 10.16 10.71
CA HIS A 79 -15.02 10.58 9.35
C HIS A 79 -13.62 10.17 9.12
N VAL A 80 -13.42 9.16 8.28
CA VAL A 80 -12.12 8.55 8.06
C VAL A 80 -11.43 9.09 6.85
N SER A 81 -10.13 9.38 6.99
CA SER A 81 -9.34 9.85 5.88
CA SER A 81 -9.32 9.87 5.91
C SER A 81 -8.01 9.11 5.84
N MET A 82 -7.43 9.01 4.66
CA MET A 82 -6.13 8.39 4.47
C MET A 82 -5.07 9.26 5.11
N ASP A 83 -4.11 8.65 5.79
CA ASP A 83 -2.98 9.40 6.33
C ASP A 83 -1.96 9.47 5.22
N LYS A 84 -1.84 10.64 4.58
CA LYS A 84 -0.88 10.81 3.50
C LYS A 84 0.52 11.29 3.97
N ARG A 85 0.69 11.48 5.28
CA ARG A 85 1.94 12.01 5.82
C ARG A 85 2.97 10.90 6.10
N THR A 86 2.50 9.70 6.41
CA THR A 86 3.37 8.63 6.86
C THR A 86 3.36 7.47 5.91
N LYS A 87 4.56 6.96 5.63
CA LYS A 87 4.72 5.74 4.85
C LYS A 87 5.28 4.67 5.76
N ILE A 88 4.85 3.42 5.56
CA ILE A 88 5.35 2.31 6.35
C ILE A 88 5.52 1.10 5.47
N GLN A 89 6.67 0.43 5.59
CA GLN A 89 6.86 -0.91 5.07
C GLN A 89 7.37 -1.76 6.21
N LEU A 90 6.84 -2.97 6.33
CA LEU A 90 7.31 -3.93 7.31
C LEU A 90 7.84 -5.06 6.49
N ASP A 91 9.17 -5.20 6.39
CA ASP A 91 9.79 -6.24 5.54
C ASP A 91 9.28 -6.11 4.09
N ASN A 92 9.15 -4.85 3.60
CA ASN A 92 8.67 -4.46 2.27
C ASN A 92 7.16 -4.62 2.09
N GLU A 93 6.42 -4.96 3.14
CA GLU A 93 4.95 -5.01 3.07
C GLU A 93 4.41 -3.64 3.36
N ASN A 94 3.63 -3.08 2.44
CA ASN A 94 3.13 -1.73 2.60
C ASN A 94 1.98 -1.66 3.61
N VAL A 95 2.08 -0.71 4.53
CA VAL A 95 1.08 -0.52 5.56
C VAL A 95 0.57 0.91 5.48
N ARG A 96 -0.75 1.07 5.33
CA ARG A 96 -1.36 2.38 5.22
C ARG A 96 -2.08 2.74 6.50
N LEU A 97 -2.02 4.03 6.86
CA LEU A 97 -2.67 4.52 8.06
C LEU A 97 -3.86 5.37 7.71
N PHE A 98 -4.85 5.39 8.60
CA PHE A 98 -6.08 6.17 8.42
C PHE A 98 -6.41 6.85 9.72
N ASN A 99 -6.96 8.05 9.62
CA ASN A 99 -7.33 8.83 10.78
C ASN A 99 -8.78 9.17 10.77
N GLY A 100 -9.35 9.32 11.95
CA GLY A 100 -10.64 9.94 12.09
C GLY A 100 -10.39 11.41 12.32
N ARG A 101 -11.45 12.19 12.50
CA ARG A 101 -11.31 13.59 12.90
C ARG A 101 -10.76 13.61 14.33
N ASP A 102 -10.24 14.75 14.82
CA ASP A 102 -9.72 14.84 16.20
C ASP A 102 -10.77 14.37 17.24
N LYS A 103 -12.03 14.80 17.08
CA LYS A 103 -13.11 14.45 17.99
C LYS A 103 -13.52 12.97 17.92
N ASP A 104 -13.17 12.26 16.82
CA ASP A 104 -13.53 10.85 16.66
C ASP A 104 -12.68 9.92 17.51
N SER A 105 -11.44 10.36 17.88
CA SER A 105 -10.51 9.58 18.70
CA SER A 105 -10.45 9.58 18.64
C SER A 105 -10.34 8.16 18.08
N THR A 106 -10.18 8.08 16.75
CA THR A 106 -10.12 6.81 16.04
C THR A 106 -9.00 6.82 15.01
N ASN A 107 -8.27 5.71 14.93
CA ASN A 107 -7.19 5.49 13.97
C ASN A 107 -7.34 4.09 13.38
N PHE A 108 -6.82 3.88 12.18
CA PHE A 108 -6.80 2.56 11.59
C PHE A 108 -5.44 2.30 10.98
N ILE A 109 -5.16 1.01 10.81
CA ILE A 109 -3.98 0.52 10.14
C ILE A 109 -4.41 -0.54 9.18
N LEU A 110 -3.90 -0.51 7.96
CA LEU A 110 -4.22 -1.53 6.98
C LEU A 110 -3.01 -2.00 6.22
N GLY A 111 -2.75 -3.28 6.33
CA GLY A 111 -1.77 -3.97 5.51
C GLY A 111 -2.50 -5.05 4.73
N ASP A 112 -1.80 -5.74 3.83
CA ASP A 112 -2.39 -6.89 3.13
C ASP A 112 -2.72 -8.02 4.11
N GLU A 113 -1.94 -8.16 5.18
CA GLU A 113 -2.09 -9.30 6.09
C GLU A 113 -2.92 -9.00 7.33
N PHE A 114 -3.10 -7.74 7.68
CA PHE A 114 -3.79 -7.40 8.90
C PHE A 114 -4.40 -6.02 8.82
N ALA A 115 -5.32 -5.74 9.71
CA ALA A 115 -5.97 -4.45 9.87
C ALA A 115 -6.22 -4.22 11.34
N VAL A 116 -6.17 -2.96 11.72
CA VAL A 116 -6.39 -2.53 13.09
C VAL A 116 -7.31 -1.35 13.10
N LEU A 117 -8.26 -1.36 14.02
CA LEU A 117 -9.10 -0.25 14.37
C LEU A 117 -8.76 0.05 15.82
N ARG A 118 -8.39 1.28 16.14
CA ARG A 118 -8.11 1.64 17.51
C ARG A 118 -8.86 2.91 17.86
N PHE A 119 -9.63 2.88 18.93
CA PHE A 119 -10.38 4.06 19.34
C PHE A 119 -10.44 4.14 20.86
N TYR A 120 -10.87 5.29 21.35
CA TYR A 120 -11.03 5.52 22.77
C TYR A 120 -12.46 5.47 23.15
N ARG A 121 -12.74 4.81 24.27
CA ARG A 121 -14.07 4.68 24.84
C ARG A 121 -13.95 4.87 26.34
N ASN A 122 -14.55 5.96 26.86
CA ASN A 122 -14.50 6.30 28.29
C ASN A 122 -13.06 6.37 28.79
N GLY A 123 -12.20 7.01 28.00
CA GLY A 123 -10.78 7.17 28.31
C GLY A 123 -9.89 5.94 28.15
N GLU A 124 -10.43 4.84 27.61
CA GLU A 124 -9.66 3.63 27.47
C GLU A 124 -9.41 3.31 26.00
N SER A 125 -8.21 2.82 25.71
CA SER A 125 -7.76 2.49 24.38
C SER A 125 -8.20 1.09 23.99
N ILE A 126 -9.05 0.95 22.98
CA ILE A 126 -9.54 -0.34 22.53
C ILE A 126 -9.06 -0.60 21.12
N SER A 127 -8.44 -1.76 20.90
CA SER A 127 -7.99 -2.15 19.58
C SER A 127 -8.75 -3.35 19.09
N TYR A 128 -9.14 -3.33 17.83
CA TYR A 128 -9.68 -4.47 17.09
C TYR A 128 -8.61 -4.87 16.14
N ILE A 129 -8.08 -6.08 16.28
CA ILE A 129 -6.97 -6.56 15.48
C ILE A 129 -7.45 -7.74 14.67
N ALA A 130 -7.39 -7.61 13.34
CA ALA A 130 -7.88 -8.64 12.44
C ALA A 130 -6.85 -9.04 11.43
N TYR A 131 -6.47 -10.33 11.39
CA TYR A 131 -5.51 -10.80 10.40
C TYR A 131 -6.28 -11.50 9.28
N LYS A 132 -5.79 -11.37 8.07
CA LYS A 132 -6.44 -11.93 6.89
C LYS A 132 -6.43 -13.45 6.89
N GLU A 133 -5.26 -14.06 7.08
CA GLU A 133 -5.15 -15.51 6.99
C GLU A 133 -5.71 -16.17 8.21
N ALA A 134 -6.46 -17.26 8.02
CA ALA A 134 -7.09 -17.99 9.12
C ALA A 134 -6.04 -18.49 10.11
N GLN A 135 -4.93 -19.06 9.62
CA GLN A 135 -3.86 -19.59 10.46
C GLN A 135 -3.22 -18.49 11.28
N MET A 136 -2.97 -17.33 10.65
CA MET A 136 -2.36 -16.23 11.35
C MET A 136 -3.34 -15.59 12.32
N MET A 137 -4.62 -15.48 11.96
CA MET A 137 -5.62 -14.95 12.89
C MET A 137 -5.73 -15.85 14.13
N ASN A 138 -5.74 -17.18 13.92
CA ASN A 138 -5.81 -18.13 15.03
C ASN A 138 -4.58 -17.99 15.93
N GLU A 139 -3.39 -17.85 15.36
CA GLU A 139 -2.15 -17.67 16.12
C GLU A 139 -2.20 -16.38 16.95
N ILE A 140 -2.68 -15.29 16.33
CA ILE A 140 -2.77 -13.98 17.00
C ILE A 140 -3.78 -14.06 18.13
N ALA A 141 -4.93 -14.71 17.90
CA ALA A 141 -5.93 -14.86 18.95
C ALA A 141 -5.38 -15.67 20.11
N GLU A 142 -4.65 -16.77 19.82
CA GLU A 142 -4.09 -17.58 20.91
C GLU A 142 -3.03 -16.79 21.66
N PHE A 143 -2.19 -16.05 20.94
CA PHE A 143 -1.13 -15.21 21.50
C PHE A 143 -1.71 -14.20 22.50
N TYR A 144 -2.77 -13.47 22.11
CA TYR A 144 -3.37 -12.49 23.00
C TYR A 144 -4.20 -13.13 24.11
N ALA A 145 -4.81 -14.30 23.84
CA ALA A 145 -5.61 -14.98 24.87
C ALA A 145 -4.76 -15.59 25.95
N ALA A 146 -3.60 -16.12 25.60
CA ALA A 146 -2.73 -16.89 26.51
C ALA A 146 -2.48 -16.21 27.86
N PRO A 147 -2.10 -14.92 27.98
CA PRO A 147 -1.87 -14.36 29.32
C PRO A 147 -3.09 -14.41 30.23
N PHE A 148 -4.31 -14.43 29.66
CA PHE A 148 -5.52 -14.48 30.47
C PHE A 148 -5.88 -15.90 30.92
N LYS A 149 -5.09 -16.95 30.55
CA LYS A 149 -5.40 -18.31 31.00
C LYS A 149 -5.04 -18.51 32.48
N LYS A 150 -4.05 -17.76 33.00
CA LYS A 150 -3.66 -17.87 34.40
C LYS A 150 -4.54 -16.99 35.34
N THR A 151 -5.34 -16.08 34.78
CA THR A 151 -6.19 -15.17 35.54
C THR A 151 -7.57 -15.04 34.90
N ARG A 152 -8.52 -15.90 35.29
CA ARG A 152 -9.87 -15.83 34.71
C ARG A 152 -10.73 -14.82 35.46
N ALA A 153 -10.97 -13.65 34.84
CA ALA A 153 -11.78 -12.61 35.47
C ALA A 153 -13.25 -12.67 34.99
N ILE A 154 -14.18 -12.09 35.78
CA ILE A 154 -15.61 -12.05 35.45
C ILE A 154 -15.84 -11.20 34.18
N ASN A 155 -15.16 -10.04 34.11
CA ASN A 155 -15.27 -9.13 33.00
C ASN A 155 -14.08 -9.31 32.07
N GLU A 156 -13.61 -10.57 31.87
CA GLU A 156 -12.50 -10.83 30.95
C GLU A 156 -12.83 -10.31 29.55
N LYS A 157 -14.10 -10.43 29.13
CA LYS A 157 -14.58 -9.98 27.82
C LYS A 157 -14.37 -8.48 27.59
N GLU A 158 -14.47 -7.69 28.66
CA GLU A 158 -14.26 -6.24 28.55
C GLU A 158 -12.77 -5.91 28.29
N ALA A 159 -11.84 -6.77 28.73
CA ALA A 159 -10.42 -6.60 28.49
C ALA A 159 -9.96 -7.29 27.20
N PHE A 160 -10.50 -8.47 26.91
CA PHE A 160 -10.10 -9.25 25.75
C PHE A 160 -11.24 -10.11 25.29
N GLU A 161 -11.47 -10.13 23.97
CA GLU A 161 -12.50 -10.97 23.42
C GLU A 161 -12.14 -11.42 22.02
N CYS A 162 -12.28 -12.72 21.74
CA CYS A 162 -12.16 -13.20 20.38
C CYS A 162 -13.49 -12.92 19.72
N ILE A 163 -13.47 -12.30 18.56
CA ILE A 163 -14.69 -11.96 17.84
C ILE A 163 -14.91 -13.00 16.75
N TYR A 164 -16.13 -13.50 16.61
CA TYR A 164 -16.44 -14.53 15.62
C TYR A 164 -17.42 -14.04 14.55
N ASP A 165 -17.49 -14.81 13.43
CA ASP A 165 -18.38 -14.64 12.28
C ASP A 165 -17.87 -13.52 11.42
N LYS A 173 -16.35 -20.86 13.69
CA LYS A 173 -15.65 -21.58 14.77
C LYS A 173 -14.26 -20.99 15.05
N TYR A 174 -13.69 -20.23 14.10
CA TYR A 174 -12.40 -19.57 14.32
C TYR A 174 -12.62 -18.06 14.33
N PRO A 175 -11.89 -17.33 15.18
CA PRO A 175 -12.10 -15.89 15.27
C PRO A 175 -11.77 -15.15 13.98
N VAL A 176 -12.42 -14.02 13.77
CA VAL A 176 -12.16 -13.13 12.65
C VAL A 176 -11.34 -11.90 13.13
N SER A 177 -11.33 -11.62 14.44
CA SER A 177 -10.56 -10.55 15.04
C SER A 177 -10.51 -10.74 16.56
N VAL A 178 -9.71 -9.91 17.22
CA VAL A 178 -9.67 -9.87 18.67
C VAL A 178 -9.89 -8.40 19.08
N LYS A 179 -10.58 -8.19 20.18
CA LYS A 179 -10.81 -6.90 20.79
C LYS A 179 -9.96 -6.87 22.03
N ILE A 180 -9.09 -5.88 22.18
CA ILE A 180 -8.29 -5.75 23.38
C ILE A 180 -8.43 -4.36 23.92
N ASN A 181 -8.87 -4.25 25.17
CA ASN A 181 -8.90 -2.98 25.87
C ASN A 181 -7.66 -3.02 26.71
N VAL A 182 -6.60 -2.36 26.27
CA VAL A 182 -5.30 -2.39 26.91
C VAL A 182 -5.35 -1.87 28.35
N ASP A 183 -6.17 -0.85 28.63
CA ASP A 183 -6.28 -0.32 30.00
C ASP A 183 -6.89 -1.38 30.94
N LYS A 184 -7.94 -2.07 30.50
CA LYS A 184 -8.57 -3.10 31.32
C LYS A 184 -7.69 -4.36 31.39
N ALA A 185 -7.00 -4.69 30.28
CA ALA A 185 -6.11 -5.85 30.21
C ALA A 185 -4.97 -5.75 31.22
N LYS A 186 -4.34 -4.57 31.34
CA LYS A 186 -3.24 -4.37 32.28
C LYS A 186 -3.72 -4.51 33.74
N LYS A 187 -4.97 -4.15 34.02
CA LYS A 187 -5.52 -4.27 35.36
C LYS A 187 -5.79 -5.75 35.71
N ILE A 188 -6.22 -6.55 34.74
CA ILE A 188 -6.51 -7.97 34.96
C ILE A 188 -5.23 -8.80 35.00
N LEU A 189 -4.27 -8.51 34.11
CA LEU A 189 -3.04 -9.29 34.03
C LEU A 189 -2.05 -8.97 35.15
N ASN A 190 -2.17 -7.79 35.79
CA ASN A 190 -1.31 -7.35 36.88
C ASN A 190 0.17 -7.46 36.49
N LEU A 191 0.51 -6.92 35.32
CA LEU A 191 1.87 -6.92 34.81
C LEU A 191 2.78 -6.08 35.71
N PRO A 192 4.08 -6.40 35.82
CA PRO A 192 4.98 -5.57 36.62
C PRO A 192 5.06 -4.16 36.05
N GLU A 193 5.13 -3.14 36.93
CA GLU A 193 5.16 -1.73 36.52
C GLU A 193 6.36 -1.42 35.63
N CYS A 194 6.21 -1.63 34.31
CA CYS A 194 7.28 -1.35 33.37
C CYS A 194 7.32 0.14 33.18
N ASP A 195 8.50 0.71 33.37
CA ASP A 195 8.68 2.13 33.35
C ASP A 195 9.80 2.61 32.39
N TYR A 196 10.04 3.93 32.38
CA TYR A 196 11.08 4.53 31.58
C TYR A 196 12.32 4.74 32.41
N ILE A 197 12.16 5.25 33.65
CA ILE A 197 13.18 5.71 34.60
C ILE A 197 14.01 6.80 33.81
N ASN A 198 15.36 6.77 33.73
CA ASN A 198 16.10 7.70 32.90
C ASN A 198 16.40 6.92 31.61
N ASP A 199 15.41 6.88 30.73
CA ASP A 199 15.43 6.13 29.49
C ASP A 199 16.08 6.93 28.36
N TYR A 200 17.13 7.66 28.68
CA TYR A 200 17.83 8.40 27.65
C TYR A 200 19.26 8.63 28.06
N ILE A 201 20.09 8.80 27.06
CA ILE A 201 21.50 9.16 27.27
C ILE A 201 21.70 10.42 26.49
N LYS A 202 22.29 11.48 27.09
CA LYS A 202 22.54 12.69 26.32
C LYS A 202 23.48 12.39 25.15
N THR A 203 23.12 12.83 23.93
CA THR A 203 23.97 12.62 22.76
C THR A 203 25.32 13.27 22.99
N PRO A 204 26.42 12.57 22.69
CA PRO A 204 27.73 13.16 22.91
C PRO A 204 27.92 14.45 22.09
N GLN A 205 28.68 15.37 22.66
CA GLN A 205 28.97 16.63 22.01
C GLN A 205 30.48 16.82 21.93
N VAL A 206 30.91 17.80 21.14
CA VAL A 206 32.33 18.09 20.97
C VAL A 206 32.52 19.61 21.16
N PRO A 207 33.63 20.05 21.77
CA PRO A 207 33.88 21.50 21.85
C PRO A 207 33.93 22.10 20.44
N HIS A 208 33.32 23.26 20.24
CA HIS A 208 33.32 23.92 18.95
C HIS A 208 32.83 25.35 19.10
N GLY A 209 33.36 26.25 18.26
CA GLY A 209 32.91 27.63 18.23
C GLY A 209 31.48 27.64 17.72
N ILE A 210 30.58 28.32 18.43
CA ILE A 210 29.17 28.29 18.06
C ILE A 210 28.94 29.10 16.80
N THR A 211 28.47 28.43 15.75
CA THR A 211 28.18 29.06 14.46
C THR A 211 26.78 29.65 14.47
N GLU A 212 26.56 30.73 13.71
CA GLU A 212 25.24 31.34 13.65
C GLU A 212 24.26 30.36 12.96
N SER A 213 23.04 30.26 13.49
CA SER A 213 22.05 29.37 12.90
C SER A 213 21.31 30.13 11.81
N GLN A 214 21.41 29.64 10.56
CA GLN A 214 20.75 30.30 9.44
C GLN A 214 19.24 30.06 9.50
N THR A 215 18.47 31.15 9.61
CA THR A 215 17.01 31.09 9.67
C THR A 215 16.50 30.55 8.33
N ARG A 216 15.84 29.38 8.35
CA ARG A 216 15.36 28.78 7.12
C ARG A 216 13.84 29.03 6.95
N ALA A 217 13.27 28.55 5.84
CA ALA A 217 11.88 28.73 5.51
C ALA A 217 11.14 27.37 5.49
N VAL A 218 9.79 27.39 5.41
CA VAL A 218 9.01 26.17 5.27
C VAL A 218 9.38 25.56 3.91
N PRO A 219 9.87 24.32 3.89
CA PRO A 219 10.29 23.73 2.61
C PRO A 219 9.12 23.61 1.63
N SER A 220 9.37 23.71 0.32
CA SER A 220 8.32 23.56 -0.68
C SER A 220 7.68 22.16 -0.63
N GLU A 221 8.43 21.19 -0.13
CA GLU A 221 8.04 19.81 0.05
C GLU A 221 8.52 19.37 1.42
N PRO A 222 7.71 18.64 2.20
CA PRO A 222 8.22 18.13 3.49
C PRO A 222 9.43 17.22 3.27
N LYS A 223 10.39 17.29 4.18
CA LYS A 223 11.57 16.47 4.12
C LYS A 223 11.21 15.04 4.48
N THR A 224 11.63 14.07 3.66
CA THR A 224 11.37 12.68 3.99
C THR A 224 12.42 12.25 4.98
N VAL A 225 12.00 11.78 6.14
CA VAL A 225 12.93 11.27 7.14
C VAL A 225 12.58 9.82 7.39
N TYR A 226 13.53 8.91 7.13
CA TYR A 226 13.30 7.52 7.37
C TYR A 226 13.52 7.21 8.83
N VAL A 227 12.62 6.38 9.36
CA VAL A 227 12.74 5.83 10.68
C VAL A 227 12.97 4.35 10.46
N ILE A 228 14.23 3.95 10.46
CA ILE A 228 14.64 2.59 10.16
C ILE A 228 14.58 1.74 11.40
N CYS A 229 13.55 0.90 11.46
CA CYS A 229 13.35 0.03 12.60
C CYS A 229 13.94 -1.30 12.28
N LEU A 230 14.70 -1.82 13.21
CA LEU A 230 15.42 -3.08 13.01
C LEU A 230 14.99 -4.04 14.06
N ARG A 231 14.41 -5.15 13.62
CA ARG A 231 13.97 -6.23 14.47
C ARG A 231 15.20 -6.89 15.01
N GLU A 232 15.37 -6.84 16.34
CA GLU A 232 16.54 -7.39 17.00
C GLU A 232 16.71 -8.86 16.68
N ASN A 233 17.95 -9.32 16.51
CA ASN A 233 18.25 -10.72 16.23
C ASN A 233 17.65 -11.61 17.32
N GLY A 234 16.79 -12.52 16.91
CA GLY A 234 16.15 -13.42 17.86
C GLY A 234 14.81 -12.93 18.38
N SER A 235 14.41 -11.68 18.05
CA SER A 235 13.13 -11.16 18.50
CA SER A 235 13.13 -11.17 18.50
C SER A 235 12.03 -11.47 17.49
N THR A 236 10.82 -11.61 17.99
CA THR A 236 9.62 -11.80 17.21
C THR A 236 8.76 -10.59 17.50
N VAL A 237 8.31 -9.90 16.47
CA VAL A 237 7.43 -8.76 16.63
C VAL A 237 6.20 -9.02 15.74
N TYR A 238 5.08 -8.40 16.10
CA TYR A 238 3.82 -8.67 15.44
C TYR A 238 3.47 -7.40 14.62
N PRO A 239 3.15 -7.56 13.31
CA PRO A 239 2.94 -6.39 12.46
C PRO A 239 1.94 -5.37 13.02
N ASN A 240 0.83 -5.83 13.60
CA ASN A 240 -0.16 -4.89 14.17
C ASN A 240 0.44 -4.07 15.32
N GLU A 241 1.33 -4.69 16.09
CA GLU A 241 1.95 -4.03 17.23
C GLU A 241 2.99 -3.03 16.80
N VAL A 242 3.85 -3.43 15.85
CA VAL A 242 4.89 -2.54 15.36
C VAL A 242 4.27 -1.33 14.67
N SER A 243 3.27 -1.57 13.80
CA SER A 243 2.67 -0.46 13.07
CA SER A 243 2.62 -0.49 13.08
C SER A 243 1.93 0.49 14.02
N ALA A 244 1.31 -0.03 15.10
CA ALA A 244 0.64 0.88 16.05
C ALA A 244 1.68 1.79 16.72
N GLN A 245 2.85 1.26 17.09
CA GLN A 245 3.92 2.09 17.68
C GLN A 245 4.37 3.17 16.69
N MET A 246 4.51 2.81 15.42
CA MET A 246 4.94 3.74 14.37
C MET A 246 3.90 4.80 14.13
N GLN A 247 2.62 4.42 14.08
CA GLN A 247 1.54 5.38 13.90
C GLN A 247 1.51 6.37 15.06
N ASP A 248 1.61 5.87 16.29
CA ASP A 248 1.56 6.76 17.46
C ASP A 248 2.78 7.66 17.47
N ALA A 249 3.94 7.14 17.06
CA ALA A 249 5.17 7.95 16.99
C ALA A 249 5.01 9.07 15.95
N ALA A 250 4.59 8.74 14.72
CA ALA A 250 4.40 9.76 13.68
C ALA A 250 3.36 10.80 14.11
N ASN A 251 2.20 10.36 14.63
CA ASN A 251 1.14 11.29 15.01
C ASN A 251 1.53 12.21 16.16
N SER A 252 2.41 11.75 17.05
CA SER A 252 2.87 12.61 18.13
C SER A 252 3.74 13.77 17.57
N VAL A 253 4.44 13.55 16.44
CA VAL A 253 5.24 14.59 15.82
C VAL A 253 4.35 15.56 15.04
N TYR A 254 3.45 15.04 14.18
CA TYR A 254 2.61 15.91 13.36
C TYR A 254 1.66 16.78 14.18
N ALA A 255 1.27 16.31 15.38
CA ALA A 255 0.39 17.08 16.27
C ALA A 255 1.07 18.36 16.80
N VAL A 256 2.40 18.45 16.68
CA VAL A 256 3.16 19.60 17.16
C VAL A 256 3.46 20.57 16.02
N HIS A 257 3.12 21.85 16.22
CA HIS A 257 3.44 23.00 15.34
C HIS A 257 3.28 22.73 13.84
N GLY A 258 2.19 22.07 13.42
CA GLY A 258 1.96 21.76 12.00
C GLY A 258 3.17 21.13 11.32
N LEU A 259 3.86 20.21 12.05
CA LEU A 259 5.10 19.65 11.56
C LEU A 259 4.98 18.81 10.30
N LYS A 260 3.77 18.44 9.82
CA LYS A 260 3.67 17.71 8.54
C LYS A 260 4.15 18.60 7.35
N ARG A 261 4.21 19.93 7.54
CA ARG A 261 4.73 20.82 6.52
C ARG A 261 6.25 20.65 6.34
N TYR A 262 6.95 20.16 7.39
CA TYR A 262 8.40 20.05 7.42
C TYR A 262 8.91 18.66 7.25
N VAL A 263 8.15 17.66 7.73
CA VAL A 263 8.64 16.29 7.69
C VAL A 263 7.53 15.32 7.32
N ASN A 264 7.89 14.29 6.59
CA ASN A 264 7.01 13.17 6.29
C ASN A 264 7.83 11.95 6.73
N LEU A 265 7.37 11.25 7.74
CA LEU A 265 8.11 10.11 8.28
C LEU A 265 7.85 8.88 7.48
N HIS A 266 8.93 8.16 7.16
CA HIS A 266 8.83 6.93 6.40
C HIS A 266 9.46 5.82 7.23
N PHE A 267 8.62 4.98 7.81
CA PHE A 267 9.08 3.87 8.62
C PHE A 267 9.37 2.69 7.76
N VAL A 268 10.45 1.98 8.07
CA VAL A 268 10.76 0.73 7.40
C VAL A 268 11.18 -0.26 8.48
N LEU A 269 10.94 -1.54 8.25
CA LEU A 269 11.34 -2.57 9.20
C LEU A 269 12.09 -3.65 8.47
N TYR A 270 13.27 -3.97 8.97
CA TYR A 270 14.13 -5.08 8.51
C TYR A 270 14.65 -5.78 9.73
N THR A 271 15.30 -6.92 9.56
CA THR A 271 15.93 -7.60 10.68
C THR A 271 17.41 -7.22 10.74
N THR A 272 17.98 -7.14 11.94
CA THR A 272 19.40 -6.91 12.09
C THR A 272 20.04 -8.13 12.74
N GLU A 273 21.32 -8.34 12.47
CA GLU A 273 22.08 -9.37 13.15
C GLU A 273 22.40 -8.96 14.60
N TYR A 274 22.32 -7.68 14.92
CA TYR A 274 22.61 -7.17 16.25
C TYR A 274 21.60 -7.66 17.28
N ALA A 275 22.12 -8.05 18.42
CA ALA A 275 21.31 -8.36 19.59
C ALA A 275 22.00 -7.70 20.79
N CYS A 276 21.24 -7.17 21.75
CA CYS A 276 21.82 -6.57 22.95
C CYS A 276 22.67 -7.61 23.69
N PRO A 277 23.90 -7.24 24.08
CA PRO A 277 24.78 -8.22 24.74
C PRO A 277 24.35 -8.58 26.18
N SER A 278 23.46 -7.79 26.78
CA SER A 278 22.96 -8.06 28.12
C SER A 278 21.53 -7.52 28.24
N GLY A 279 20.95 -7.57 29.45
CA GLY A 279 19.63 -6.98 29.67
C GLY A 279 19.71 -5.47 29.86
N ASN A 280 20.92 -4.90 29.97
CA ASN A 280 21.09 -3.48 30.25
C ASN A 280 20.77 -2.61 29.03
N ALA A 281 19.81 -1.69 29.16
CA ALA A 281 19.39 -0.82 28.06
C ALA A 281 20.50 0.14 27.60
N ASP A 282 21.29 0.74 28.53
CA ASP A 282 22.37 1.66 28.13
C ASP A 282 23.42 0.95 27.29
N GLU A 283 23.87 -0.19 27.75
CA GLU A 283 24.85 -1.00 27.04
C GLU A 283 24.28 -1.50 25.69
N GLY A 284 23.00 -1.86 25.67
CA GLY A 284 22.32 -2.29 24.47
C GLY A 284 22.27 -1.17 23.44
N LEU A 285 21.92 0.05 23.86
CA LEU A 285 21.88 1.19 22.95
C LEU A 285 23.29 1.51 22.44
N ASP A 286 24.30 1.51 23.33
CA ASP A 286 25.69 1.75 22.94
CA ASP A 286 25.67 1.77 22.93
C ASP A 286 26.13 0.76 21.84
N GLY A 287 25.84 -0.52 22.05
CA GLY A 287 26.18 -1.54 21.08
C GLY A 287 25.41 -1.40 19.79
N PHE A 288 24.14 -0.99 19.87
CA PHE A 288 23.29 -0.83 18.69
C PHE A 288 23.80 0.30 17.79
N THR A 289 24.11 1.47 18.38
CA THR A 289 24.63 2.59 17.58
C THR A 289 25.99 2.19 16.95
N ALA A 290 26.83 1.48 17.71
CA ALA A 290 28.11 1.00 17.19
C ALA A 290 27.89 0.01 16.03
N SER A 291 26.88 -0.89 16.11
CA SER A 291 26.61 -1.84 15.03
C SER A 291 26.18 -1.13 13.76
N LEU A 292 25.47 0.00 13.88
CA LEU A 292 25.05 0.79 12.71
C LEU A 292 26.28 1.40 12.01
N LYS A 293 27.19 1.98 12.79
CA LYS A 293 28.40 2.59 12.24
C LYS A 293 29.31 1.55 11.57
N ALA A 294 29.30 0.30 12.06
CA ALA A 294 30.15 -0.74 11.49
C ALA A 294 29.45 -1.55 10.39
N ASN A 295 28.22 -1.21 10.01
CA ASN A 295 27.50 -1.95 8.98
C ASN A 295 27.68 -1.27 7.64
N PRO A 296 28.36 -1.95 6.69
CA PRO A 296 28.59 -1.34 5.36
C PRO A 296 27.29 -1.08 4.60
N LYS A 297 26.26 -1.90 4.82
CA LYS A 297 24.97 -1.75 4.18
C LYS A 297 24.22 -0.48 4.65
N ALA A 298 24.55 0.03 5.85
CA ALA A 298 23.90 1.24 6.35
C ALA A 298 24.62 2.53 5.90
N GLU A 299 25.79 2.41 5.22
CA GLU A 299 26.55 3.56 4.73
C GLU A 299 25.69 4.40 3.80
N GLY A 300 25.71 5.70 3.99
CA GLY A 300 24.89 6.61 3.20
C GLY A 300 23.58 6.98 3.89
N TYR A 301 23.21 6.24 4.95
CA TYR A 301 21.98 6.53 5.69
C TYR A 301 22.27 6.89 7.16
N ASP A 302 23.46 7.44 7.44
CA ASP A 302 23.83 7.84 8.79
C ASP A 302 23.03 9.04 9.33
N ASP A 303 22.30 9.75 8.44
CA ASP A 303 21.53 10.92 8.79
C ASP A 303 20.03 10.60 9.00
N GLN A 304 19.65 9.32 9.06
CA GLN A 304 18.25 8.95 9.29
C GLN A 304 18.06 8.61 10.79
N ILE A 305 16.85 8.20 11.17
CA ILE A 305 16.57 7.83 12.56
C ILE A 305 16.47 6.31 12.64
N TYR A 306 16.98 5.71 13.71
CA TYR A 306 17.00 4.24 13.84
C TYR A 306 16.46 3.77 15.14
N PHE A 307 15.71 2.68 15.10
CA PHE A 307 15.25 2.04 16.33
C PHE A 307 15.54 0.59 16.29
N LEU A 308 16.12 0.07 17.36
CA LEU A 308 16.19 -1.37 17.53
C LEU A 308 14.90 -1.73 18.18
N ILE A 309 14.10 -2.63 17.59
CA ILE A 309 12.84 -2.99 18.21
C ILE A 309 12.83 -4.45 18.64
N ARG A 310 12.06 -4.72 19.66
CA ARG A 310 11.84 -6.05 20.19
C ARG A 310 10.42 -6.07 20.76
N TRP A 311 9.96 -7.22 21.18
CA TRP A 311 8.65 -7.35 21.81
C TRP A 311 8.77 -7.04 23.29
N GLY A 312 9.79 -7.58 23.93
CA GLY A 312 9.99 -7.41 25.36
C GLY A 312 10.59 -6.09 25.77
N THR A 313 11.09 -6.06 27.01
CA THR A 313 11.66 -4.87 27.64
C THR A 313 13.10 -5.18 28.10
N TRP A 314 13.78 -4.20 28.71
CA TRP A 314 15.12 -4.37 29.19
C TRP A 314 15.10 -4.45 30.73
N ASP A 315 16.27 -4.63 31.37
CA ASP A 315 16.43 -4.68 32.81
C ASP A 315 15.79 -3.49 33.50
N ASN A 316 15.30 -3.69 34.74
CA ASN A 316 14.66 -2.63 35.51
C ASN A 316 13.35 -2.15 34.83
N ASN A 317 12.67 -3.04 34.12
CA ASN A 317 11.41 -2.76 33.42
C ASN A 317 11.54 -1.57 32.44
N ILE A 318 12.73 -1.40 31.82
CA ILE A 318 12.92 -0.27 30.91
C ILE A 318 12.26 -0.60 29.58
N LEU A 319 11.36 0.28 29.12
CA LEU A 319 10.57 0.09 27.90
C LEU A 319 11.31 0.45 26.61
N GLY A 320 12.25 1.34 26.73
CA GLY A 320 13.01 1.83 25.58
C GLY A 320 14.04 2.81 26.05
N ILE A 321 14.91 3.24 25.14
CA ILE A 321 15.99 4.17 25.47
C ILE A 321 16.43 4.85 24.19
N SER A 322 16.95 6.08 24.27
CA SER A 322 17.36 6.79 23.07
C SER A 322 18.43 7.82 23.36
N TRP A 323 19.13 8.25 22.32
CA TRP A 323 20.08 9.34 22.45
C TRP A 323 19.29 10.63 22.41
N LEU A 324 19.33 11.38 23.50
CA LEU A 324 18.61 12.62 23.66
C LEU A 324 19.12 13.72 22.73
N ASN A 325 18.21 14.39 21.99
CA ASN A 325 18.55 15.52 21.13
C ASN A 325 19.61 15.13 20.11
N SER A 326 19.36 14.02 19.43
CA SER A 326 20.31 13.45 18.50
C SER A 326 19.93 13.64 17.04
N TYR A 327 18.73 14.17 16.76
CA TYR A 327 18.30 14.39 15.40
C TYR A 327 18.02 15.88 15.16
N ASN A 328 18.63 16.42 14.13
CA ASN A 328 18.39 17.76 13.62
C ASN A 328 18.43 17.66 12.10
N VAL A 329 17.44 18.21 11.38
CA VAL A 329 17.40 18.08 9.91
C VAL A 329 18.64 18.61 9.20
N ASN A 330 19.38 19.56 9.80
CA ASN A 330 20.56 20.11 9.16
C ASN A 330 21.82 19.36 9.50
N THR A 331 21.93 18.82 10.72
CA THR A 331 23.18 18.23 11.16
C THR A 331 23.13 16.73 11.41
N ALA A 332 22.01 16.06 11.11
CA ALA A 332 21.88 14.61 11.34
C ALA A 332 23.04 13.84 10.71
N SER A 333 23.71 12.97 11.51
CA SER A 333 24.86 12.24 11.02
C SER A 333 25.28 11.14 11.98
N ASP A 334 26.18 10.26 11.51
CA ASP A 334 26.87 9.23 12.28
C ASP A 334 25.95 8.35 13.09
N PHE A 335 24.72 8.12 12.58
CA PHE A 335 23.74 7.25 13.24
C PHE A 335 23.44 7.68 14.66
N LYS A 336 23.66 8.96 14.98
CA LYS A 336 23.42 9.49 16.32
C LYS A 336 21.97 9.37 16.74
N ALA A 337 21.04 9.57 15.78
CA ALA A 337 19.61 9.57 16.05
C ALA A 337 19.13 8.14 16.15
N SER A 338 19.51 7.47 17.23
CA SER A 338 19.15 6.08 17.40
C SER A 338 18.61 5.83 18.80
N GLY A 339 17.79 4.81 18.88
CA GLY A 339 17.16 4.39 20.11
C GLY A 339 16.73 2.94 20.01
N MET A 340 16.07 2.48 21.05
CA MET A 340 15.53 1.14 21.16
C MET A 340 14.14 1.24 21.74
N SER A 341 13.25 0.36 21.31
CA SER A 341 11.89 0.43 21.78
C SER A 341 11.25 -0.93 21.84
N THR A 342 10.46 -1.16 22.90
CA THR A 342 9.55 -2.28 22.92
C THR A 342 8.44 -1.97 21.89
N THR A 343 7.75 -3.00 21.43
CA THR A 343 6.61 -2.80 20.55
C THR A 343 5.39 -3.57 21.05
N GLN A 344 5.42 -4.15 22.27
CA GLN A 344 4.27 -4.90 22.76
C GLN A 344 3.07 -3.97 22.90
N LEU A 345 1.92 -4.55 22.63
CA LEU A 345 0.64 -3.86 22.56
C LEU A 345 0.30 -3.15 23.82
N MET A 346 0.65 -3.74 24.99
CA MET A 346 0.29 -3.20 26.29
C MET A 346 1.01 -1.88 26.63
N TYR A 347 2.02 -1.47 25.87
CA TYR A 347 2.70 -0.21 26.15
C TYR A 347 2.65 0.70 24.93
N PRO A 348 1.45 1.19 24.55
CA PRO A 348 1.39 2.11 23.42
C PRO A 348 2.17 3.39 23.68
N GLY A 349 2.80 3.91 22.64
CA GLY A 349 3.48 5.20 22.74
C GLY A 349 4.93 5.15 23.15
N VAL A 350 5.52 3.95 23.35
CA VAL A 350 6.94 3.90 23.77
C VAL A 350 7.83 4.42 22.63
N MET A 351 7.55 3.99 21.39
CA MET A 351 8.34 4.49 20.26
C MET A 351 8.16 6.02 20.12
N ALA A 352 6.92 6.52 20.33
CA ALA A 352 6.63 7.95 20.30
C ALA A 352 7.46 8.68 21.36
N HIS A 353 7.54 8.12 22.57
CA HIS A 353 8.27 8.73 23.68
C HIS A 353 9.76 8.79 23.33
N GLU A 354 10.33 7.69 22.83
CA GLU A 354 11.75 7.64 22.47
C GLU A 354 12.04 8.53 21.28
N LEU A 355 11.14 8.58 20.30
CA LEU A 355 11.30 9.50 19.16
C LEU A 355 11.30 10.95 19.66
N GLY A 356 10.47 11.25 20.67
CA GLY A 356 10.44 12.56 21.31
C GLY A 356 11.80 12.92 21.86
N HIS A 357 12.44 11.98 22.58
CA HIS A 357 13.79 12.21 23.13
C HIS A 357 14.79 12.42 22.00
N ILE A 358 14.72 11.59 20.93
CA ILE A 358 15.64 11.76 19.78
C ILE A 358 15.52 13.20 19.19
N LEU A 359 14.29 13.71 19.11
CA LEU A 359 14.03 15.06 18.61
C LEU A 359 14.27 16.17 19.64
N GLY A 360 14.76 15.82 20.83
CA GLY A 360 15.16 16.79 21.86
C GLY A 360 14.26 16.96 23.07
N ALA A 361 13.09 16.31 23.08
CA ALA A 361 12.17 16.46 24.19
C ALA A 361 12.73 15.84 25.46
N ASN A 362 12.64 16.60 26.57
CA ASN A 362 13.03 16.14 27.88
C ASN A 362 11.79 15.57 28.58
N HIS A 363 11.94 15.00 29.78
CA HIS A 363 10.78 14.54 30.52
C HIS A 363 9.97 15.75 30.96
N ALA A 364 8.66 15.60 30.93
CA ALA A 364 7.72 16.65 31.30
C ALA A 364 7.10 16.39 32.67
N ASP A 365 6.60 17.44 33.34
CA ASP A 365 6.03 17.30 34.67
C ASP A 365 4.58 16.86 34.68
N ASP A 366 3.89 16.95 33.56
CA ASP A 366 2.47 16.63 33.50
C ASP A 366 2.32 15.14 33.30
N PRO A 367 1.60 14.43 34.21
CA PRO A 367 1.39 12.99 34.03
C PRO A 367 0.60 12.64 32.77
N LYS A 368 -0.08 13.62 32.14
CA LYS A 368 -0.81 13.33 30.90
C LYS A 368 0.04 13.57 29.64
N ASP A 369 1.31 13.94 29.82
CA ASP A 369 2.19 14.19 28.72
C ASP A 369 2.79 12.88 28.27
N LEU A 370 2.95 12.71 26.95
CA LEU A 370 3.69 11.57 26.37
C LEU A 370 5.09 11.47 26.99
N MET A 371 5.69 12.62 27.29
CA MET A 371 7.05 12.66 27.81
C MET A 371 7.15 12.67 29.30
N TYR A 372 6.08 12.30 30.02
CA TYR A 372 6.18 12.14 31.48
C TYR A 372 7.24 11.07 31.83
N SER A 373 7.95 11.22 32.95
CA SER A 373 9.04 10.30 33.30
C SER A 373 8.57 8.90 33.70
N LYS A 374 7.27 8.71 33.90
CA LYS A 374 6.72 7.41 34.21
C LYS A 374 5.78 7.02 33.04
N TYR A 375 5.72 5.73 32.66
CA TYR A 375 4.83 5.30 31.57
C TYR A 375 3.37 5.56 31.98
N THR A 376 2.62 6.37 31.21
CA THR A 376 1.22 6.63 31.57
C THR A 376 0.24 6.39 30.41
N GLY A 377 0.71 5.98 29.23
CA GLY A 377 -0.20 5.65 28.13
C GLY A 377 -0.72 6.80 27.30
N TYR A 378 -0.26 8.03 27.58
CA TYR A 378 -0.69 9.18 26.81
C TYR A 378 0.20 9.31 25.57
N LEU A 379 -0.34 9.83 24.47
CA LEU A 379 0.37 9.76 23.19
C LEU A 379 0.72 11.10 22.58
N PHE A 380 0.57 12.20 23.31
CA PHE A 380 0.88 13.51 22.75
C PHE A 380 1.74 14.37 23.64
N HIS A 381 2.57 15.18 23.01
CA HIS A 381 3.37 16.19 23.67
C HIS A 381 2.46 17.30 24.16
N LEU A 382 2.60 17.68 25.41
CA LEU A 382 1.84 18.79 25.98
C LEU A 382 2.76 19.95 26.39
N SER A 383 4.05 19.65 26.65
CA SER A 383 5.03 20.65 27.06
C SER A 383 5.35 21.57 25.91
N GLU A 384 5.10 22.87 26.07
CA GLU A 384 5.39 23.85 25.04
C GLU A 384 6.89 23.92 24.79
N LYS A 385 7.72 23.76 25.85
CA LYS A 385 9.17 23.73 25.69
C LYS A 385 9.59 22.56 24.81
N ASN A 386 9.00 21.37 25.05
CA ASN A 386 9.33 20.20 24.23
C ASN A 386 8.88 20.38 22.82
N MET A 387 7.68 20.93 22.63
CA MET A 387 7.14 21.16 21.31
C MET A 387 8.04 22.08 20.48
N ASP A 388 8.55 23.14 21.10
CA ASP A 388 9.43 24.08 20.39
C ASP A 388 10.76 23.42 20.04
N ILE A 389 11.32 22.61 20.95
CA ILE A 389 12.59 21.91 20.72
C ILE A 389 12.44 20.95 19.53
N ILE A 390 11.40 20.11 19.55
CA ILE A 390 11.16 19.13 18.50
C ILE A 390 10.96 19.82 17.16
N ALA A 391 10.10 20.85 17.13
CA ALA A 391 9.80 21.54 15.88
C ALA A 391 11.03 22.25 15.33
N LYS A 392 11.84 22.89 16.19
CA LYS A 392 13.06 23.57 15.73
C LYS A 392 14.04 22.55 15.14
N ASN A 393 14.15 21.36 15.76
CA ASN A 393 15.03 20.32 15.21
C ASN A 393 14.56 19.78 13.86
N LEU A 394 13.29 20.00 13.51
CA LEU A 394 12.73 19.60 12.23
C LEU A 394 12.58 20.78 11.22
N GLY A 395 13.19 21.93 11.52
CA GLY A 395 13.24 23.05 10.60
C GLY A 395 12.24 24.16 10.83
N TRP A 396 11.40 24.01 11.85
CA TRP A 396 10.38 25.03 12.13
C TRP A 396 10.95 26.20 12.89
N GLU A 397 10.33 27.36 12.70
CA GLU A 397 10.61 28.57 13.48
C GLU A 397 9.28 29.22 13.84
N ILE A 398 9.24 29.96 14.95
CA ILE A 398 8.00 30.58 15.43
C ILE A 398 7.33 31.47 14.36
N ALA A 399 8.12 32.19 13.52
CA ALA A 399 7.51 33.04 12.48
C ALA A 399 6.67 32.23 11.47
N ASP A 400 6.89 30.91 11.38
CA ASP A 400 6.11 30.09 10.45
C ASP A 400 4.72 29.75 10.95
N GLY A 401 4.47 29.92 12.25
CA GLY A 401 3.19 29.59 12.83
C GLY A 401 2.95 28.09 12.85
N ASP A 402 1.69 27.69 13.06
CA ASP A 402 1.30 26.29 13.13
C ASP A 402 0.55 25.85 11.86
N VAL B 39 24.12 10.25 -7.67
CA VAL B 39 23.25 10.70 -6.58
C VAL B 39 21.80 10.37 -6.90
N THR B 40 21.38 10.52 -8.19
CA THR B 40 20.02 10.22 -8.59
C THR B 40 19.78 8.72 -8.45
N ALA B 41 18.61 8.35 -7.90
CA ALA B 41 18.19 6.97 -7.74
C ALA B 41 18.19 6.23 -9.07
N SER B 42 18.53 4.94 -9.07
CA SER B 42 18.55 4.17 -10.30
C SER B 42 18.09 2.72 -10.11
N ILE B 43 17.66 2.11 -11.20
CA ILE B 43 17.23 0.73 -11.26
C ILE B 43 18.11 0.06 -12.30
N ASP B 44 18.89 -0.93 -11.89
CA ASP B 44 19.75 -1.67 -12.80
C ASP B 44 18.97 -2.85 -13.37
N LEU B 45 18.56 -2.76 -14.63
CA LEU B 45 17.77 -3.78 -15.27
C LEU B 45 18.53 -5.08 -15.53
N GLN B 46 19.87 -5.10 -15.35
CA GLN B 46 20.61 -6.37 -15.44
C GLN B 46 20.43 -7.22 -14.17
N SER B 47 19.89 -6.66 -13.07
CA SER B 47 19.74 -7.43 -11.83
C SER B 47 18.48 -7.04 -11.05
N VAL B 48 17.53 -6.36 -11.69
CA VAL B 48 16.35 -5.83 -11.00
C VAL B 48 15.50 -6.93 -10.35
N SER B 49 15.27 -6.76 -9.06
CA SER B 49 14.47 -7.68 -8.28
C SER B 49 13.21 -6.96 -7.75
N TYR B 50 12.35 -7.74 -7.06
CA TYR B 50 11.18 -7.15 -6.44
C TYR B 50 11.61 -6.06 -5.41
N THR B 51 12.61 -6.39 -4.55
CA THR B 51 13.05 -5.46 -3.52
CA THR B 51 13.02 -5.43 -3.52
C THR B 51 13.60 -4.17 -4.12
N ASP B 52 14.30 -4.26 -5.28
CA ASP B 52 14.83 -3.06 -5.93
C ASP B 52 13.69 -2.13 -6.34
N LEU B 53 12.67 -2.70 -6.99
CA LEU B 53 11.53 -1.92 -7.45
C LEU B 53 10.73 -1.40 -6.28
N ALA B 54 10.46 -2.24 -5.27
CA ALA B 54 9.69 -1.83 -4.11
C ALA B 54 10.38 -0.68 -3.36
N THR B 55 11.69 -0.79 -3.09
CA THR B 55 12.38 0.26 -2.32
C THR B 55 12.33 1.59 -3.07
N GLN B 56 12.49 1.56 -4.41
CA GLN B 56 12.44 2.79 -5.18
C GLN B 56 11.03 3.39 -5.22
N LEU B 57 10.04 2.57 -5.58
CA LEU B 57 8.67 3.05 -5.73
C LEU B 57 8.06 3.47 -4.41
N ASN B 58 8.40 2.77 -3.32
CA ASN B 58 7.90 3.15 -2.01
C ASN B 58 8.49 4.48 -1.54
N ASP B 59 9.59 4.94 -2.15
CA ASP B 59 10.18 6.22 -1.80
C ASP B 59 9.52 7.40 -2.57
N VAL B 60 8.66 7.10 -3.55
CA VAL B 60 8.03 8.14 -4.35
C VAL B 60 7.02 8.90 -3.52
N SER B 61 7.28 10.18 -3.30
CA SER B 61 6.39 11.05 -2.53
C SER B 61 5.33 11.70 -3.45
N ASP B 62 4.44 12.54 -2.88
CA ASP B 62 3.37 13.18 -3.66
C ASP B 62 3.92 14.13 -4.76
N PHE B 63 5.17 14.55 -4.68
CA PHE B 63 5.79 15.41 -5.68
C PHE B 63 6.62 14.63 -6.72
N GLY B 64 6.63 13.31 -6.65
CA GLY B 64 7.35 12.51 -7.62
C GLY B 64 8.84 12.41 -7.34
N LYS B 65 9.50 11.52 -8.08
CA LYS B 65 10.90 11.22 -7.89
C LYS B 65 11.56 10.92 -9.22
N MET B 66 12.80 11.42 -9.43
CA MET B 66 13.56 11.06 -10.61
C MET B 66 14.19 9.70 -10.38
N ILE B 67 14.04 8.78 -11.31
CA ILE B 67 14.67 7.47 -11.24
C ILE B 67 15.29 7.17 -12.58
N ILE B 68 16.55 6.76 -12.61
CA ILE B 68 17.21 6.42 -13.84
C ILE B 68 17.10 4.91 -14.09
N LEU B 69 16.50 4.52 -15.19
CA LEU B 69 16.46 3.14 -15.61
C LEU B 69 17.76 2.87 -16.36
N LYS B 70 18.51 1.86 -15.95
CA LYS B 70 19.78 1.55 -16.59
C LYS B 70 19.85 0.13 -17.06
N ASP B 71 20.48 -0.08 -18.18
CA ASP B 71 20.81 -1.39 -18.69
C ASP B 71 22.05 -1.23 -19.54
N ASN B 72 22.61 -2.33 -20.06
CA ASN B 72 23.69 -2.29 -21.03
C ASN B 72 23.22 -1.50 -22.25
N GLY B 73 23.94 -0.44 -22.57
CA GLY B 73 23.56 0.42 -23.70
C GLY B 73 22.28 1.19 -23.54
N PHE B 74 21.74 1.28 -22.31
CA PHE B 74 20.47 1.97 -22.12
C PHE B 74 20.42 2.82 -20.86
N ASN B 75 19.81 3.98 -20.99
CA ASN B 75 19.54 4.84 -19.84
C ASN B 75 18.28 5.64 -20.12
N ARG B 76 17.52 5.88 -19.07
CA ARG B 76 16.37 6.75 -19.20
C ARG B 76 16.07 7.34 -17.89
N GLN B 77 16.01 8.67 -17.83
CA GLN B 77 15.67 9.35 -16.62
C GLN B 77 14.17 9.58 -16.62
N VAL B 78 13.47 8.97 -15.67
CA VAL B 78 12.02 9.05 -15.63
C VAL B 78 11.58 9.80 -14.39
N HIS B 79 10.53 10.64 -14.50
CA HIS B 79 10.02 11.31 -13.32
C HIS B 79 8.79 10.53 -12.92
N VAL B 80 8.89 9.79 -11.83
CA VAL B 80 7.87 8.87 -11.39
C VAL B 80 6.96 9.50 -10.38
N SER B 81 5.66 9.29 -10.57
CA SER B 81 4.69 9.78 -9.61
CA SER B 81 4.66 9.79 -9.65
C SER B 81 3.68 8.69 -9.31
N MET B 82 3.11 8.74 -8.11
CA MET B 82 2.08 7.82 -7.70
CA MET B 82 2.11 7.76 -7.77
C MET B 82 0.84 8.07 -8.54
N ASP B 83 0.16 7.03 -8.99
CA ASP B 83 -1.09 7.20 -9.68
C ASP B 83 -2.14 7.31 -8.59
N LYS B 84 -2.65 8.52 -8.34
CA LYS B 84 -3.65 8.74 -7.32
C LYS B 84 -5.09 8.55 -7.86
N ARG B 85 -5.25 8.27 -9.15
CA ARG B 85 -6.57 8.19 -9.77
C ARG B 85 -7.17 6.78 -9.64
N THR B 86 -6.34 5.76 -9.60
CA THR B 86 -6.77 4.38 -9.64
C THR B 86 -6.43 3.63 -8.40
N LYS B 87 -7.39 2.87 -7.91
CA LYS B 87 -7.20 1.97 -6.79
C LYS B 87 -7.35 0.56 -7.31
N ILE B 88 -6.59 -0.38 -6.76
CA ILE B 88 -6.69 -1.77 -7.15
C ILE B 88 -6.51 -2.66 -5.94
N GLN B 89 -7.40 -3.65 -5.79
CA GLN B 89 -7.18 -4.76 -4.88
C GLN B 89 -7.32 -6.04 -5.68
N LEU B 90 -6.42 -6.98 -5.47
CA LEU B 90 -6.53 -8.30 -6.09
C LEU B 90 -6.71 -9.24 -4.96
N ASP B 91 -7.93 -9.75 -4.73
CA ASP B 91 -8.22 -10.63 -3.60
C ASP B 91 -7.85 -9.93 -2.28
N ASN B 92 -8.17 -8.62 -2.18
CA ASN B 92 -7.90 -7.73 -1.05
C ASN B 92 -6.43 -7.32 -0.92
N GLU B 93 -5.56 -7.71 -1.87
CA GLU B 93 -4.16 -7.28 -1.84
C GLU B 93 -4.08 -5.95 -2.55
N ASN B 94 -3.57 -4.92 -1.88
CA ASN B 94 -3.51 -3.59 -2.46
C ASN B 94 -2.40 -3.47 -3.49
N VAL B 95 -2.75 -2.91 -4.65
CA VAL B 95 -1.82 -2.76 -5.76
C VAL B 95 -1.80 -1.29 -6.14
N ARG B 96 -0.61 -0.68 -6.13
CA ARG B 96 -0.45 0.70 -6.45
C ARG B 96 0.16 0.88 -7.82
N LEU B 97 -0.28 1.90 -8.53
CA LEU B 97 0.23 2.20 -9.85
C LEU B 97 1.08 3.44 -9.82
N PHE B 98 2.06 3.51 -10.71
CA PHE B 98 2.95 4.66 -10.82
C PHE B 98 3.14 4.99 -12.28
N ASN B 99 3.27 6.27 -12.57
CA ASN B 99 3.44 6.75 -13.92
C ASN B 99 4.69 7.55 -14.06
N GLY B 100 5.23 7.54 -15.26
CA GLY B 100 6.27 8.49 -15.61
C GLY B 100 5.56 9.68 -16.25
N ARG B 101 6.33 10.68 -16.68
CA ARG B 101 5.78 11.78 -17.48
C ARG B 101 5.35 11.20 -18.84
N ASP B 102 4.54 11.92 -19.62
CA ASP B 102 4.14 11.43 -20.96
C ASP B 102 5.34 11.04 -21.83
N LYS B 103 6.39 11.88 -21.85
CA LYS B 103 7.59 11.63 -22.65
C LYS B 103 8.43 10.46 -22.14
N ASP B 104 8.24 10.04 -20.87
CA ASP B 104 8.99 8.93 -20.30
C ASP B 104 8.54 7.58 -20.81
N SER B 105 7.27 7.46 -21.25
CA SER B 105 6.66 6.21 -21.74
C SER B 105 6.93 5.05 -20.76
N THR B 106 6.71 5.31 -19.46
CA THR B 106 7.03 4.34 -18.41
C THR B 106 5.91 4.27 -17.40
N ASN B 107 5.57 3.06 -16.97
CA ASN B 107 4.56 2.78 -15.95
C ASN B 107 5.10 1.74 -14.99
N PHE B 108 4.58 1.74 -13.77
CA PHE B 108 4.93 0.70 -12.82
C PHE B 108 3.71 0.20 -12.10
N ILE B 109 3.81 -0.99 -11.57
CA ILE B 109 2.81 -1.62 -10.73
C ILE B 109 3.51 -2.16 -9.51
N LEU B 110 2.96 -1.95 -8.34
CA LEU B 110 3.55 -2.46 -7.12
C LEU B 110 2.52 -3.04 -6.18
N GLY B 111 2.67 -4.31 -5.91
CA GLY B 111 1.93 -4.99 -4.86
C GLY B 111 2.92 -5.50 -3.83
N ASP B 112 2.45 -6.06 -2.72
CA ASP B 112 3.34 -6.70 -1.75
C ASP B 112 4.03 -7.92 -2.37
N GLU B 113 3.36 -8.62 -3.32
CA GLU B 113 3.91 -9.86 -3.85
C GLU B 113 4.66 -9.72 -5.16
N PHE B 114 4.46 -8.63 -5.88
CA PHE B 114 5.06 -8.46 -7.20
C PHE B 114 5.20 -6.99 -7.55
N ALA B 115 6.06 -6.71 -8.52
CA ALA B 115 6.27 -5.40 -9.07
C ALA B 115 6.51 -5.55 -10.57
N VAL B 116 6.05 -4.55 -11.31
CA VAL B 116 6.22 -4.50 -12.75
C VAL B 116 6.72 -3.14 -13.14
N LEU B 117 7.69 -3.11 -14.04
CA LEU B 117 8.16 -1.94 -14.72
C LEU B 117 7.82 -2.19 -16.18
N ARG B 118 7.13 -1.28 -16.84
CA ARG B 118 6.87 -1.40 -18.25
C ARG B 118 7.22 -0.10 -18.97
N PHE B 119 8.01 -0.16 -20.03
CA PHE B 119 8.38 1.03 -20.78
C PHE B 119 8.49 0.72 -22.28
N TYR B 120 8.44 1.76 -23.11
CA TYR B 120 8.60 1.63 -24.55
C TYR B 120 9.97 2.03 -24.94
N ARG B 121 10.56 1.24 -25.79
CA ARG B 121 11.87 1.58 -26.30
C ARG B 121 11.90 1.16 -27.72
N ASN B 122 12.20 2.12 -28.60
CA ASN B 122 12.22 1.95 -30.04
C ASN B 122 10.92 1.28 -30.52
N GLY B 123 9.81 1.79 -30.01
CA GLY B 123 8.45 1.39 -30.34
C GLY B 123 8.00 0.06 -29.80
N GLU B 124 8.78 -0.59 -28.91
CA GLU B 124 8.40 -1.89 -28.40
C GLU B 124 8.16 -1.83 -26.90
N SER B 125 7.16 -2.57 -26.43
CA SER B 125 6.81 -2.57 -25.01
CA SER B 125 6.81 -2.57 -25.01
C SER B 125 7.56 -3.64 -24.28
N ILE B 126 8.34 -3.24 -23.29
CA ILE B 126 9.16 -4.14 -22.51
C ILE B 126 8.71 -4.13 -21.07
N SER B 127 8.46 -5.33 -20.50
CA SER B 127 8.05 -5.46 -19.12
C SER B 127 9.10 -6.18 -18.32
N TYR B 128 9.37 -5.70 -17.13
CA TYR B 128 10.20 -6.35 -16.12
C TYR B 128 9.23 -6.79 -15.05
N ILE B 129 9.09 -8.09 -14.83
CA ILE B 129 8.14 -8.65 -13.89
C ILE B 129 8.90 -9.35 -12.78
N ALA B 130 8.75 -8.85 -11.56
CA ALA B 130 9.49 -9.38 -10.42
C ALA B 130 8.57 -9.76 -9.28
N TYR B 131 8.61 -11.02 -8.85
CA TYR B 131 7.81 -11.47 -7.72
C TYR B 131 8.69 -11.54 -6.49
N LYS B 132 8.11 -11.21 -5.34
CA LYS B 132 8.86 -11.20 -4.10
C LYS B 132 9.30 -12.59 -3.65
N GLU B 133 8.37 -13.56 -3.64
CA GLU B 133 8.67 -14.88 -3.16
C GLU B 133 9.43 -15.69 -4.18
N ALA B 134 10.46 -16.41 -3.73
CA ALA B 134 11.31 -17.21 -4.60
C ALA B 134 10.49 -18.25 -5.38
N GLN B 135 9.58 -18.95 -4.70
CA GLN B 135 8.75 -19.98 -5.32
C GLN B 135 7.86 -19.42 -6.43
N MET B 136 7.21 -18.28 -6.16
CA MET B 136 6.35 -17.69 -7.17
C MET B 136 7.19 -17.13 -8.32
N MET B 137 8.35 -16.53 -8.01
CA MET B 137 9.21 -15.99 -9.08
C MET B 137 9.68 -17.11 -10.00
N ASN B 138 10.03 -18.26 -9.42
CA ASN B 138 10.45 -19.43 -10.20
C ASN B 138 9.30 -19.96 -11.07
N GLU B 139 8.07 -20.02 -10.52
CA GLU B 139 6.89 -20.45 -11.26
C GLU B 139 6.59 -19.49 -12.44
N ILE B 140 6.67 -18.19 -12.18
CA ILE B 140 6.41 -17.17 -13.20
C ILE B 140 7.48 -17.26 -14.29
N ALA B 141 8.76 -17.43 -13.90
CA ALA B 141 9.83 -17.55 -14.88
C ALA B 141 9.64 -18.79 -15.75
N GLU B 142 9.25 -19.93 -15.16
CA GLU B 142 9.02 -21.15 -15.94
C GLU B 142 7.83 -20.97 -16.86
N PHE B 143 6.77 -20.35 -16.36
CA PHE B 143 5.56 -20.06 -17.11
C PHE B 143 5.86 -19.24 -18.37
N TYR B 144 6.62 -18.14 -18.23
CA TYR B 144 6.94 -17.29 -19.37
C TYR B 144 8.01 -17.93 -20.28
N ALA B 145 8.91 -18.75 -19.72
CA ALA B 145 9.94 -19.40 -20.53
C ALA B 145 9.39 -20.52 -21.38
N ALA B 146 8.40 -21.26 -20.86
CA ALA B 146 7.86 -22.46 -21.51
C ALA B 146 7.51 -22.28 -23.00
N PRO B 147 6.77 -21.25 -23.46
CA PRO B 147 6.46 -21.17 -24.91
C PRO B 147 7.71 -21.09 -25.79
N PHE B 148 8.82 -20.58 -25.26
CA PHE B 148 10.07 -20.48 -26.03
C PHE B 148 10.84 -21.81 -26.10
N LYS B 149 10.33 -22.89 -25.51
CA LYS B 149 11.01 -24.18 -25.55
C LYS B 149 10.85 -24.82 -26.92
N LYS B 150 9.62 -24.81 -27.47
CA LYS B 150 9.39 -25.38 -28.80
C LYS B 150 10.00 -24.52 -29.91
N THR B 151 10.06 -23.20 -29.70
CA THR B 151 10.63 -22.27 -30.67
C THR B 151 11.94 -21.73 -30.13
N ARG B 152 13.02 -22.52 -30.23
CA ARG B 152 14.33 -22.07 -29.75
C ARG B 152 15.08 -21.41 -30.91
N ALA B 153 14.45 -20.39 -31.49
CA ALA B 153 14.98 -19.60 -32.60
C ALA B 153 16.01 -18.55 -32.09
N ILE B 154 16.74 -17.87 -33.01
CA ILE B 154 17.74 -16.86 -32.68
C ILE B 154 17.08 -15.63 -32.03
N ASN B 155 17.88 -14.87 -31.27
CA ASN B 155 17.50 -13.63 -30.59
C ASN B 155 16.43 -13.85 -29.50
N GLU B 156 16.50 -14.96 -28.76
CA GLU B 156 15.51 -15.23 -27.72
C GLU B 156 15.63 -14.26 -26.55
N LYS B 157 16.86 -13.89 -26.16
CA LYS B 157 17.11 -12.98 -25.03
C LYS B 157 16.47 -11.62 -25.23
N GLU B 158 16.38 -11.15 -26.47
CA GLU B 158 15.75 -9.85 -26.75
C GLU B 158 14.22 -9.90 -26.54
N ALA B 159 13.61 -11.09 -26.69
CA ALA B 159 12.19 -11.29 -26.46
C ALA B 159 11.91 -11.68 -25.00
N PHE B 160 12.75 -12.52 -24.41
CA PHE B 160 12.54 -13.04 -23.07
C PHE B 160 13.86 -13.34 -22.41
N GLU B 161 14.00 -12.92 -21.16
CA GLU B 161 15.21 -13.21 -20.42
C GLU B 161 14.93 -13.31 -18.94
N CYS B 162 15.52 -14.31 -18.31
CA CYS B 162 15.50 -14.44 -16.87
C CYS B 162 16.60 -13.56 -16.33
N ILE B 163 16.29 -12.71 -15.39
CA ILE B 163 17.25 -11.80 -14.80
C ILE B 163 17.71 -12.36 -13.47
N TYR B 164 19.01 -12.39 -13.23
CA TYR B 164 19.55 -12.95 -11.98
C TYR B 164 20.26 -11.88 -11.14
N ASP B 165 20.39 -12.13 -9.83
CA ASP B 165 21.10 -11.25 -8.89
C ASP B 165 22.54 -11.04 -9.37
N SER B 166 23.08 -9.83 -9.23
CA SER B 166 24.43 -9.53 -9.70
C SER B 166 25.49 -10.17 -8.80
N LYS B 173 21.48 -20.60 -9.08
CA LYS B 173 20.79 -19.33 -8.82
C LYS B 173 19.39 -19.33 -9.44
N TYR B 174 18.50 -18.59 -8.82
CA TYR B 174 17.11 -18.45 -9.25
C TYR B 174 16.86 -17.01 -9.67
N PRO B 175 16.02 -16.81 -10.69
CA PRO B 175 15.79 -15.46 -11.19
C PRO B 175 15.15 -14.53 -10.16
N VAL B 176 15.47 -13.24 -10.28
CA VAL B 176 14.88 -12.18 -9.47
C VAL B 176 13.78 -11.45 -10.25
N SER B 177 13.77 -11.57 -11.60
CA SER B 177 12.75 -11.01 -12.46
C SER B 177 12.85 -11.62 -13.85
N VAL B 178 11.87 -11.33 -14.70
CA VAL B 178 11.90 -11.71 -16.08
C VAL B 178 11.68 -10.44 -16.90
N LYS B 179 12.35 -10.38 -18.01
CA LYS B 179 12.22 -9.31 -18.99
C LYS B 179 11.45 -9.90 -20.14
N ILE B 180 10.37 -9.26 -20.56
CA ILE B 180 9.61 -9.72 -21.72
C ILE B 180 9.37 -8.55 -22.63
N ASN B 181 9.82 -8.67 -23.88
CA ASN B 181 9.53 -7.70 -24.91
C ASN B 181 8.40 -8.35 -25.66
N VAL B 182 7.16 -7.95 -25.37
CA VAL B 182 5.96 -8.56 -25.96
C VAL B 182 5.95 -8.46 -27.49
N ASP B 183 6.44 -7.36 -28.06
CA ASP B 183 6.50 -7.23 -29.53
C ASP B 183 7.45 -8.26 -30.14
N LYS B 184 8.64 -8.44 -29.54
CA LYS B 184 9.58 -9.42 -30.05
C LYS B 184 9.13 -10.84 -29.76
N ALA B 185 8.48 -11.07 -28.62
CA ALA B 185 7.98 -12.38 -28.20
C ALA B 185 6.91 -12.90 -29.17
N LYS B 186 5.96 -12.04 -29.58
CA LYS B 186 4.90 -12.46 -30.51
C LYS B 186 5.45 -12.81 -31.88
N LYS B 187 6.56 -12.16 -32.29
CA LYS B 187 7.19 -12.47 -33.58
C LYS B 187 7.87 -13.83 -33.55
N ILE B 188 8.50 -14.18 -32.42
CA ILE B 188 9.21 -15.44 -32.27
C ILE B 188 8.23 -16.60 -32.04
N LEU B 189 7.19 -16.39 -31.23
CA LEU B 189 6.26 -17.45 -30.89
C LEU B 189 5.26 -17.76 -32.00
N ASN B 190 5.02 -16.80 -32.93
CA ASN B 190 4.11 -16.95 -34.06
C ASN B 190 2.72 -17.44 -33.59
N LEU B 191 2.18 -16.75 -32.59
CA LEU B 191 0.89 -17.10 -32.00
C LEU B 191 -0.25 -16.95 -33.00
N PRO B 192 -1.32 -17.76 -32.88
CA PRO B 192 -2.46 -17.61 -33.80
C PRO B 192 -3.11 -16.23 -33.65
N GLU B 193 -3.69 -15.71 -34.74
CA GLU B 193 -4.29 -14.39 -34.72
C GLU B 193 -5.51 -14.28 -33.80
N CYS B 194 -5.38 -13.45 -32.78
CA CYS B 194 -6.47 -13.15 -31.86
C CYS B 194 -7.03 -11.78 -32.22
N ASP B 195 -8.36 -11.59 -32.16
CA ASP B 195 -8.93 -10.29 -32.55
C ASP B 195 -10.21 -9.93 -31.75
N TYR B 196 -10.91 -8.85 -32.20
CA TYR B 196 -12.10 -8.26 -31.58
C TYR B 196 -13.33 -8.28 -32.48
N ILE B 197 -13.38 -9.15 -33.50
CA ILE B 197 -14.51 -9.18 -34.41
C ILE B 197 -15.81 -9.53 -33.65
N ASN B 198 -16.83 -8.66 -33.76
CA ASN B 198 -18.12 -8.81 -33.10
C ASN B 198 -17.97 -9.06 -31.60
N ASP B 199 -17.00 -8.39 -30.97
CA ASP B 199 -16.75 -8.54 -29.54
C ASP B 199 -17.63 -7.59 -28.69
N TYR B 200 -18.86 -7.37 -29.13
CA TYR B 200 -19.76 -6.50 -28.40
C TYR B 200 -21.20 -6.98 -28.62
N ILE B 201 -22.06 -6.62 -27.70
CA ILE B 201 -23.49 -6.94 -27.78
C ILE B 201 -24.29 -5.72 -27.32
N LYS B 202 -25.50 -5.56 -27.82
CA LYS B 202 -26.40 -4.50 -27.38
C LYS B 202 -27.65 -5.09 -26.80
N THR B 203 -28.24 -4.48 -25.77
CA THR B 203 -29.56 -4.89 -25.30
C THR B 203 -30.59 -4.18 -26.19
N PRO B 204 -31.84 -4.67 -26.32
CA PRO B 204 -32.84 -3.95 -27.13
C PRO B 204 -33.12 -2.56 -26.55
N GLN B 205 -33.50 -1.60 -27.41
CA GLN B 205 -33.79 -0.24 -26.95
C GLN B 205 -35.13 -0.19 -26.23
N GLU B 221 -15.61 16.52 -6.80
CA GLU B 221 -14.96 15.24 -6.52
C GLU B 221 -15.25 14.26 -7.65
N PRO B 222 -14.21 13.57 -8.17
CA PRO B 222 -14.47 12.55 -9.19
C PRO B 222 -15.34 11.43 -8.62
N LYS B 223 -16.20 10.88 -9.45
CA LYS B 223 -17.06 9.79 -9.04
C LYS B 223 -16.24 8.50 -8.95
N THR B 224 -16.37 7.76 -7.84
CA THR B 224 -15.68 6.49 -7.74
C THR B 224 -16.50 5.47 -8.48
N VAL B 225 -15.90 4.80 -9.46
CA VAL B 225 -16.58 3.74 -10.19
C VAL B 225 -15.79 2.46 -10.01
N TYR B 226 -16.42 1.44 -9.43
CA TYR B 226 -15.76 0.17 -9.26
C TYR B 226 -15.80 -0.63 -10.53
N VAL B 227 -14.69 -1.28 -10.82
CA VAL B 227 -14.57 -2.20 -11.93
C VAL B 227 -14.33 -3.54 -11.25
N ILE B 228 -15.39 -4.30 -11.06
CA ILE B 228 -15.35 -5.55 -10.33
C ILE B 228 -14.99 -6.68 -11.27
N CYS B 229 -13.77 -7.15 -11.13
CA CYS B 229 -13.25 -8.22 -11.97
C CYS B 229 -13.38 -9.51 -11.24
N LEU B 230 -13.92 -10.49 -11.93
CA LEU B 230 -14.19 -11.78 -11.32
C LEU B 230 -13.45 -12.85 -12.07
N ARG B 231 -12.59 -13.53 -11.35
CA ARG B 231 -11.80 -14.64 -11.84
C ARG B 231 -12.75 -15.77 -12.10
N GLU B 232 -12.88 -16.16 -13.37
CA GLU B 232 -13.79 -17.21 -13.77
C GLU B 232 -13.52 -18.50 -13.03
N ASN B 233 -14.56 -19.24 -12.67
CA ASN B 233 -14.42 -20.52 -11.97
C ASN B 233 -13.56 -21.47 -12.80
N GLY B 234 -12.49 -21.94 -12.20
CA GLY B 234 -11.57 -22.85 -12.88
C GLY B 234 -10.43 -22.16 -13.61
N SER B 235 -10.44 -20.81 -13.65
CA SER B 235 -9.36 -20.11 -14.34
C SER B 235 -8.23 -19.74 -13.37
N THR B 236 -7.03 -19.62 -13.92
CA THR B 236 -5.86 -19.18 -13.21
C THR B 236 -5.39 -17.93 -13.88
N VAL B 237 -5.23 -16.86 -13.10
CA VAL B 237 -4.74 -15.61 -13.62
C VAL B 237 -3.53 -15.17 -12.78
N TYR B 238 -2.63 -14.37 -13.37
CA TYR B 238 -1.45 -13.92 -12.65
C TYR B 238 -1.60 -12.46 -12.27
N PRO B 239 -1.24 -12.11 -11.03
CA PRO B 239 -1.45 -10.72 -10.57
C PRO B 239 -0.78 -9.67 -11.45
N ASN B 240 0.45 -9.92 -11.94
CA ASN B 240 1.12 -8.93 -12.81
C ASN B 240 0.34 -8.71 -14.11
N GLU B 241 -0.28 -9.79 -14.62
CA GLU B 241 -1.01 -9.73 -15.88
C GLU B 241 -2.33 -9.04 -15.69
N VAL B 242 -3.07 -9.38 -14.63
CA VAL B 242 -4.35 -8.74 -14.37
C VAL B 242 -4.17 -7.26 -14.11
N SER B 243 -3.19 -6.89 -13.26
CA SER B 243 -2.99 -5.48 -12.91
CA SER B 243 -2.94 -5.50 -12.92
C SER B 243 -2.54 -4.68 -14.14
N ALA B 244 -1.75 -5.28 -15.06
CA ALA B 244 -1.34 -4.54 -16.27
C ALA B 244 -2.59 -4.23 -17.12
N GLN B 245 -3.52 -5.19 -17.25
CA GLN B 245 -4.76 -4.95 -18.00
C GLN B 245 -5.57 -3.82 -17.37
N MET B 246 -5.65 -3.81 -16.04
CA MET B 246 -6.38 -2.78 -15.29
C MET B 246 -5.74 -1.43 -15.44
N GLN B 247 -4.41 -1.36 -15.34
CA GLN B 247 -3.69 -0.10 -15.51
C GLN B 247 -3.90 0.44 -16.92
N ASP B 248 -3.79 -0.43 -17.95
CA ASP B 248 -3.98 0.05 -19.33
C ASP B 248 -5.44 0.48 -19.54
N ALA B 249 -6.39 -0.23 -18.93
CA ALA B 249 -7.80 0.13 -19.05
C ALA B 249 -8.05 1.51 -18.40
N ALA B 250 -7.60 1.73 -17.16
CA ALA B 250 -7.77 3.01 -16.48
C ALA B 250 -7.09 4.13 -17.26
N ASN B 251 -5.84 3.93 -17.71
CA ASN B 251 -5.10 4.98 -18.41
C ASN B 251 -5.70 5.33 -19.76
N SER B 252 -6.36 4.38 -20.42
CA SER B 252 -7.03 4.68 -21.68
C SER B 252 -8.24 5.61 -21.45
N VAL B 253 -8.86 5.56 -20.27
CA VAL B 253 -9.99 6.43 -19.93
C VAL B 253 -9.47 7.81 -19.54
N TYR B 254 -8.50 7.90 -18.62
CA TYR B 254 -7.99 9.19 -18.15
C TYR B 254 -7.33 10.00 -19.27
N ALA B 255 -6.78 9.33 -20.29
CA ALA B 255 -6.15 10.03 -21.41
C ALA B 255 -7.18 10.79 -22.28
N VAL B 256 -8.48 10.50 -22.13
CA VAL B 256 -9.54 11.13 -22.88
C VAL B 256 -10.18 12.28 -22.09
N HIS B 257 -10.26 13.46 -22.71
CA HIS B 257 -10.92 14.67 -22.20
C HIS B 257 -10.72 14.94 -20.68
N GLY B 258 -9.50 14.80 -20.16
CA GLY B 258 -9.22 15.01 -18.73
C GLY B 258 -10.20 14.29 -17.81
N LEU B 259 -10.55 13.04 -18.18
CA LEU B 259 -11.59 12.32 -17.47
C LEU B 259 -11.27 11.98 -16.01
N LYS B 260 -10.02 12.17 -15.52
CA LYS B 260 -9.75 11.95 -14.07
C LYS B 260 -10.54 12.96 -13.20
N ARG B 261 -10.98 14.09 -13.79
CA ARG B 261 -11.81 15.05 -13.07
C ARG B 261 -13.20 14.49 -12.77
N TYR B 262 -13.67 13.51 -13.56
CA TYR B 262 -15.01 12.97 -13.48
C TYR B 262 -15.07 11.60 -12.86
N VAL B 263 -14.02 10.79 -13.04
CA VAL B 263 -14.07 9.42 -12.55
C VAL B 263 -12.74 9.00 -11.96
N ASN B 264 -12.80 8.18 -10.93
CA ASN B 264 -11.64 7.53 -10.35
C ASN B 264 -12.01 6.05 -10.34
N LEU B 265 -11.30 5.24 -11.11
CA LEU B 265 -11.62 3.82 -11.23
C LEU B 265 -11.03 3.03 -10.08
N HIS B 266 -11.84 2.14 -9.51
CA HIS B 266 -11.39 1.30 -8.42
C HIS B 266 -11.60 -0.16 -8.83
N PHE B 267 -10.52 -0.82 -9.20
CA PHE B 267 -10.59 -2.21 -9.60
C PHE B 267 -10.51 -3.11 -8.41
N VAL B 268 -11.30 -4.18 -8.43
CA VAL B 268 -11.23 -5.20 -7.39
C VAL B 268 -11.28 -6.55 -8.09
N LEU B 269 -10.65 -7.56 -7.50
CA LEU B 269 -10.67 -8.89 -8.09
C LEU B 269 -11.08 -9.90 -7.03
N TYR B 270 -12.09 -10.70 -7.33
CA TYR B 270 -12.57 -11.82 -6.52
C TYR B 270 -12.78 -13.00 -7.44
N THR B 271 -13.05 -14.17 -6.89
CA THR B 271 -13.39 -15.33 -7.72
C THR B 271 -14.90 -15.45 -7.79
N THR B 272 -15.41 -15.91 -8.93
CA THR B 272 -16.84 -16.17 -9.05
C THR B 272 -17.05 -17.66 -9.27
N GLU B 273 -18.21 -18.15 -8.86
CA GLU B 273 -18.59 -19.53 -9.17
C GLU B 273 -18.97 -19.68 -10.66
N TYR B 274 -19.27 -18.57 -11.35
CA TYR B 274 -19.65 -18.61 -12.75
C TYR B 274 -18.51 -19.04 -13.65
N ALA B 275 -18.85 -19.89 -14.59
CA ALA B 275 -17.94 -20.29 -15.65
C ALA B 275 -18.73 -20.25 -16.92
N CYS B 276 -18.13 -19.80 -18.05
CA CYS B 276 -18.84 -19.81 -19.34
C CYS B 276 -19.23 -21.24 -19.69
N PRO B 277 -20.49 -21.48 -20.07
CA PRO B 277 -20.91 -22.87 -20.34
C PRO B 277 -20.27 -23.49 -21.58
N SER B 278 -19.71 -22.67 -22.48
CA SER B 278 -19.05 -23.15 -23.69
C SER B 278 -17.91 -22.18 -24.06
N GLY B 279 -17.29 -22.38 -25.21
CA GLY B 279 -16.28 -21.47 -25.70
C GLY B 279 -16.90 -20.23 -26.34
N ASN B 280 -18.24 -20.19 -26.53
CA ASN B 280 -18.88 -19.05 -27.20
C ASN B 280 -18.91 -17.81 -26.30
N ALA B 281 -18.31 -16.71 -26.77
CA ALA B 281 -18.21 -15.46 -26.03
C ALA B 281 -19.58 -14.78 -25.81
N ASP B 282 -20.47 -14.77 -26.82
CA ASP B 282 -21.79 -14.15 -26.68
C ASP B 282 -22.61 -14.83 -25.59
N GLU B 283 -22.62 -16.15 -25.62
CA GLU B 283 -23.33 -16.93 -24.64
C GLU B 283 -22.69 -16.80 -23.26
N GLY B 284 -21.37 -16.74 -23.23
CA GLY B 284 -20.62 -16.57 -22.00
C GLY B 284 -20.96 -15.27 -21.31
N LEU B 285 -21.06 -14.18 -22.09
CA LEU B 285 -21.40 -12.87 -21.54
C LEU B 285 -22.86 -12.80 -21.12
N ASP B 286 -23.79 -13.37 -21.93
CA ASP B 286 -25.20 -13.44 -21.52
C ASP B 286 -25.35 -14.16 -20.15
N GLY B 287 -24.64 -15.28 -20.01
CA GLY B 287 -24.69 -16.07 -18.78
C GLY B 287 -24.04 -15.33 -17.62
N PHE B 288 -22.96 -14.60 -17.90
CA PHE B 288 -22.23 -13.85 -16.87
C PHE B 288 -23.09 -12.73 -16.31
N THR B 289 -23.73 -11.93 -17.18
CA THR B 289 -24.58 -10.85 -16.72
C THR B 289 -25.76 -11.42 -15.92
N ALA B 290 -26.34 -12.54 -16.39
CA ALA B 290 -27.43 -13.19 -15.66
C ALA B 290 -26.96 -13.69 -14.28
N SER B 291 -25.73 -14.23 -14.16
CA SER B 291 -25.20 -14.69 -12.87
C SER B 291 -25.05 -13.53 -11.88
N LEU B 292 -24.71 -12.33 -12.38
CA LEU B 292 -24.58 -11.15 -11.53
C LEU B 292 -25.94 -10.75 -10.97
N LYS B 293 -26.98 -10.72 -11.83
CA LYS B 293 -28.33 -10.38 -11.41
C LYS B 293 -28.91 -11.37 -10.42
N ALA B 294 -28.51 -12.64 -10.51
CA ALA B 294 -29.03 -13.66 -9.61
C ALA B 294 -28.15 -13.87 -8.37
N ASN B 295 -27.08 -13.08 -8.18
CA ASN B 295 -26.21 -13.23 -7.02
C ASN B 295 -26.64 -12.25 -5.92
N PRO B 296 -27.13 -12.78 -4.78
CA PRO B 296 -27.56 -11.90 -3.69
C PRO B 296 -26.42 -11.06 -3.10
N LYS B 297 -25.19 -11.57 -3.14
CA LYS B 297 -24.01 -10.85 -2.65
C LYS B 297 -23.66 -9.63 -3.52
N ALA B 298 -24.10 -9.61 -4.80
CA ALA B 298 -23.83 -8.47 -5.67
C ALA B 298 -24.93 -7.39 -5.57
N GLU B 299 -26.02 -7.63 -4.80
CA GLU B 299 -27.11 -6.66 -4.62
C GLU B 299 -26.55 -5.37 -4.02
N GLY B 300 -26.96 -4.25 -4.58
CA GLY B 300 -26.46 -2.95 -4.15
C GLY B 300 -25.33 -2.43 -5.03
N TYR B 301 -24.73 -3.31 -5.86
CA TYR B 301 -23.64 -2.90 -6.74
C TYR B 301 -24.00 -3.11 -8.21
N ASP B 302 -25.29 -3.05 -8.56
CA ASP B 302 -25.73 -3.22 -9.93
C ASP B 302 -25.33 -2.04 -10.85
N ASP B 303 -24.91 -0.92 -10.28
CA ASP B 303 -24.53 0.28 -11.02
C ASP B 303 -23.01 0.39 -11.25
N GLN B 304 -22.26 -0.67 -10.97
CA GLN B 304 -20.81 -0.66 -11.17
C GLN B 304 -20.47 -1.37 -12.50
N ILE B 305 -19.18 -1.45 -12.84
CA ILE B 305 -18.74 -2.13 -14.06
C ILE B 305 -18.18 -3.51 -13.68
N TYR B 306 -18.43 -4.54 -14.49
CA TYR B 306 -17.98 -5.89 -14.16
C TYR B 306 -17.28 -6.56 -15.30
N PHE B 307 -16.22 -7.29 -14.99
CA PHE B 307 -15.53 -8.10 -16.00
C PHE B 307 -15.36 -9.49 -15.52
N LEU B 308 -15.70 -10.47 -16.35
CA LEU B 308 -15.33 -11.84 -16.08
C LEU B 308 -13.95 -11.98 -16.69
N ILE B 309 -12.95 -12.38 -15.91
CA ILE B 309 -11.61 -12.49 -16.47
C ILE B 309 -11.11 -13.93 -16.45
N ARG B 310 -10.25 -14.22 -17.41
CA ARG B 310 -9.59 -15.50 -17.55
C ARG B 310 -8.21 -15.23 -18.17
N TRP B 311 -7.39 -16.28 -18.29
CA TRP B 311 -6.09 -16.13 -18.93
C TRP B 311 -6.25 -16.29 -20.43
N GLY B 312 -7.02 -17.27 -20.84
CA GLY B 312 -7.19 -17.60 -22.24
C GLY B 312 -8.18 -16.72 -22.96
N THR B 313 -8.60 -17.23 -24.10
CA THR B 313 -9.50 -16.53 -24.98
C THR B 313 -10.77 -17.41 -25.22
N TRP B 314 -11.71 -16.90 -26.03
CA TRP B 314 -12.92 -17.63 -26.36
C TRP B 314 -12.81 -18.17 -27.78
N ASP B 315 -13.85 -18.86 -28.26
CA ASP B 315 -13.92 -19.43 -29.61
C ASP B 315 -13.58 -18.39 -30.67
N ASN B 316 -12.96 -18.82 -31.79
CA ASN B 316 -12.58 -17.91 -32.87
C ASN B 316 -11.51 -16.88 -32.40
N ASN B 317 -10.71 -17.27 -31.39
CA ASN B 317 -9.66 -16.47 -30.76
C ASN B 317 -10.20 -15.08 -30.35
N ILE B 318 -11.43 -15.03 -29.86
CA ILE B 318 -12.01 -13.79 -29.37
C ILE B 318 -11.35 -13.46 -28.04
N LEU B 319 -10.78 -12.24 -27.93
CA LEU B 319 -10.03 -11.81 -26.75
C LEU B 319 -10.89 -11.35 -25.60
N GLY B 320 -12.09 -10.89 -25.90
CA GLY B 320 -13.00 -10.36 -24.90
C GLY B 320 -14.29 -9.95 -25.57
N ILE B 321 -15.28 -9.59 -24.77
CA ILE B 321 -16.59 -9.18 -25.29
C ILE B 321 -17.27 -8.30 -24.25
N SER B 322 -18.16 -7.39 -24.67
CA SER B 322 -18.81 -6.50 -23.70
C SER B 322 -20.12 -5.98 -24.20
N TRP B 323 -20.97 -5.50 -23.28
CA TRP B 323 -22.22 -4.87 -23.67
C TRP B 323 -21.88 -3.45 -24.07
N LEU B 324 -22.11 -3.12 -25.33
CA LEU B 324 -21.82 -1.82 -25.90
C LEU B 324 -22.70 -0.72 -25.32
N ASN B 325 -22.07 0.39 -24.89
CA ASN B 325 -22.78 1.57 -24.39
C ASN B 325 -23.69 1.21 -23.22
N SER B 326 -23.11 0.50 -22.27
CA SER B 326 -23.87 -0.03 -21.14
C SER B 326 -23.60 0.71 -19.84
N TYR B 327 -22.65 1.66 -19.83
CA TYR B 327 -22.36 2.42 -18.62
C TYR B 327 -22.56 3.90 -18.86
N ASN B 328 -23.34 4.51 -18.00
CA ASN B 328 -23.55 5.94 -17.94
C ASN B 328 -23.61 6.31 -16.47
N VAL B 329 -22.86 7.33 -16.01
CA VAL B 329 -22.82 7.68 -14.59
C VAL B 329 -24.19 8.00 -13.98
N ASN B 330 -25.17 8.43 -14.78
CA ASN B 330 -26.49 8.76 -14.25
C ASN B 330 -27.44 7.59 -14.27
N THR B 331 -27.32 6.69 -15.26
CA THR B 331 -28.31 5.63 -15.40
C THR B 331 -27.77 4.23 -15.18
N ALA B 332 -26.51 4.06 -14.77
CA ALA B 332 -25.94 2.72 -14.55
C ALA B 332 -26.81 1.86 -13.64
N SER B 333 -27.14 0.64 -14.07
CA SER B 333 -28.02 -0.23 -13.31
C SER B 333 -28.04 -1.64 -13.86
N ASP B 334 -28.64 -2.57 -13.09
CA ASP B 334 -28.95 -3.94 -13.47
C ASP B 334 -27.76 -4.70 -14.04
N PHE B 335 -26.54 -4.39 -13.58
CA PHE B 335 -25.32 -5.07 -14.01
C PHE B 335 -25.12 -5.01 -15.52
N LYS B 336 -25.72 -4.02 -16.19
CA LYS B 336 -25.63 -3.87 -17.64
C LYS B 336 -24.21 -3.66 -18.11
N ALA B 337 -23.41 -2.89 -17.33
CA ALA B 337 -22.04 -2.55 -17.70
C ALA B 337 -21.14 -3.71 -17.39
N SER B 338 -21.25 -4.76 -18.19
CA SER B 338 -20.46 -5.96 -17.97
C SER B 338 -19.82 -6.44 -19.25
N GLY B 339 -18.72 -7.13 -19.08
CA GLY B 339 -17.96 -7.71 -20.17
C GLY B 339 -17.08 -8.84 -19.67
N MET B 340 -16.29 -9.37 -20.59
CA MET B 340 -15.33 -10.43 -20.32
C MET B 340 -14.04 -10.07 -20.98
N SER B 341 -12.93 -10.47 -20.38
CA SER B 341 -11.63 -10.12 -20.94
C SER B 341 -10.59 -11.15 -20.63
N THR B 342 -9.74 -11.40 -21.62
CA THR B 342 -8.51 -12.14 -21.38
C THR B 342 -7.59 -11.23 -20.57
N THR B 343 -6.61 -11.82 -19.88
CA THR B 343 -5.62 -11.03 -19.15
C THR B 343 -4.21 -11.49 -19.47
N GLN B 344 -4.00 -12.35 -20.50
CA GLN B 344 -2.66 -12.81 -20.81
C GLN B 344 -1.78 -11.64 -21.26
N LEU B 345 -0.52 -11.72 -20.90
CA LEU B 345 0.46 -10.66 -21.09
C LEU B 345 0.65 -10.28 -22.54
N MET B 346 0.57 -11.25 -23.45
CA MET B 346 0.80 -11.01 -24.87
C MET B 346 -0.26 -10.16 -25.54
N TYR B 347 -1.40 -9.91 -24.87
CA TYR B 347 -2.45 -9.08 -25.46
C TYR B 347 -2.76 -7.89 -24.57
N PRO B 348 -1.81 -6.94 -24.41
CA PRO B 348 -2.10 -5.77 -23.59
C PRO B 348 -3.23 -4.95 -24.20
N GLY B 349 -4.05 -4.36 -23.35
CA GLY B 349 -5.10 -3.48 -23.80
C GLY B 349 -6.45 -4.10 -24.10
N VAL B 350 -6.62 -5.43 -23.88
CA VAL B 350 -7.93 -6.04 -24.17
C VAL B 350 -8.98 -5.52 -23.21
N MET B 351 -8.64 -5.44 -21.91
CA MET B 351 -9.61 -4.90 -20.94
C MET B 351 -9.92 -3.44 -21.26
N ALA B 352 -8.90 -2.66 -21.69
CA ALA B 352 -9.09 -1.28 -22.11
C ALA B 352 -10.05 -1.20 -23.30
N HIS B 353 -9.91 -2.10 -24.27
CA HIS B 353 -10.76 -2.13 -25.46
C HIS B 353 -12.20 -2.43 -25.06
N GLU B 354 -12.40 -3.44 -24.19
CA GLU B 354 -13.75 -3.83 -23.75
C GLU B 354 -14.37 -2.74 -22.87
N LEU B 355 -13.56 -2.11 -22.01
CA LEU B 355 -14.05 -0.99 -21.20
C LEU B 355 -14.48 0.16 -22.11
N GLY B 356 -13.76 0.37 -23.21
CA GLY B 356 -14.13 1.36 -24.22
C GLY B 356 -15.52 1.09 -24.76
N HIS B 357 -15.81 -0.17 -25.11
CA HIS B 357 -17.14 -0.55 -25.60
C HIS B 357 -18.19 -0.33 -24.53
N ILE B 358 -17.90 -0.71 -23.27
CA ILE B 358 -18.85 -0.49 -22.16
C ILE B 358 -19.20 1.02 -22.04
N LEU B 359 -18.21 1.88 -22.20
CA LEU B 359 -18.42 3.33 -22.16
C LEU B 359 -18.96 3.93 -23.47
N GLY B 360 -19.27 3.10 -24.46
CA GLY B 360 -19.92 3.54 -25.69
C GLY B 360 -19.09 3.58 -26.96
N ALA B 361 -17.77 3.35 -26.86
CA ALA B 361 -16.91 3.42 -28.04
C ALA B 361 -17.24 2.31 -29.03
N ASN B 362 -17.32 2.67 -30.30
CA ASN B 362 -17.50 1.72 -31.38
C ASN B 362 -16.11 1.36 -31.96
N HIS B 363 -16.04 0.40 -32.87
CA HIS B 363 -14.77 0.09 -33.52
C HIS B 363 -14.35 1.28 -34.39
N ALA B 364 -13.06 1.59 -34.40
CA ALA B 364 -12.50 2.72 -35.13
C ALA B 364 -11.78 2.26 -36.39
N ASP B 365 -11.65 3.15 -37.38
CA ASP B 365 -11.01 2.81 -38.66
C ASP B 365 -9.49 2.89 -38.64
N ASP B 366 -8.91 3.59 -37.68
CA ASP B 366 -7.47 3.76 -37.61
C ASP B 366 -6.82 2.52 -37.00
N PRO B 367 -5.87 1.90 -37.74
CA PRO B 367 -5.17 0.71 -37.21
C PRO B 367 -4.33 0.98 -35.97
N LYS B 368 -4.09 2.25 -35.60
CA LYS B 368 -3.34 2.59 -34.37
C LYS B 368 -4.29 2.89 -33.18
N ASP B 369 -5.59 2.79 -33.38
CA ASP B 369 -6.55 3.05 -32.34
C ASP B 369 -6.69 1.84 -31.45
N LEU B 370 -6.84 2.04 -30.15
CA LEU B 370 -7.18 0.96 -29.21
C LEU B 370 -8.46 0.22 -29.68
N MET B 371 -9.41 0.98 -30.25
CA MET B 371 -10.69 0.44 -30.67
C MET B 371 -10.74 -0.07 -32.08
N TYR B 372 -9.61 -0.34 -32.70
CA TYR B 372 -9.59 -0.97 -34.02
C TYR B 372 -10.12 -2.41 -33.84
N SER B 373 -10.85 -2.94 -34.85
CA SER B 373 -11.46 -4.28 -34.77
C SER B 373 -10.45 -5.42 -34.71
N LYS B 374 -9.22 -5.15 -35.11
CA LYS B 374 -8.15 -6.12 -35.03
C LYS B 374 -7.32 -5.78 -33.86
N TYR B 375 -6.72 -6.79 -33.27
CA TYR B 375 -5.83 -6.55 -32.16
C TYR B 375 -4.52 -5.94 -32.71
N THR B 376 -4.12 -4.73 -32.23
CA THR B 376 -2.89 -4.13 -32.75
C THR B 376 -1.92 -3.69 -31.65
N GLY B 377 -2.26 -3.87 -30.37
CA GLY B 377 -1.34 -3.53 -29.28
C GLY B 377 -1.28 -2.07 -28.88
N TYR B 378 -2.11 -1.23 -29.50
CA TYR B 378 -2.19 0.18 -29.14
C TYR B 378 -3.14 0.34 -27.97
N LEU B 379 -2.84 1.30 -27.09
CA LEU B 379 -3.55 1.40 -25.82
C LEU B 379 -4.36 2.66 -25.62
N PHE B 380 -4.52 3.49 -26.69
CA PHE B 380 -5.26 4.72 -26.52
C PHE B 380 -6.30 4.95 -27.60
N HIS B 381 -7.37 5.61 -27.17
CA HIS B 381 -8.43 6.05 -28.05
C HIS B 381 -7.90 7.17 -28.93
N LEU B 382 -8.13 7.09 -30.23
CA LEU B 382 -7.74 8.15 -31.15
C LEU B 382 -8.97 8.77 -31.82
N SER B 383 -10.08 8.02 -31.91
CA SER B 383 -11.33 8.47 -32.52
C SER B 383 -11.96 9.57 -31.69
N GLU B 384 -12.12 10.76 -32.26
CA GLU B 384 -12.74 11.86 -31.55
C GLU B 384 -14.20 11.53 -31.24
N LYS B 385 -14.90 10.81 -32.13
CA LYS B 385 -16.27 10.39 -31.88
C LYS B 385 -16.34 9.48 -30.64
N ASN B 386 -15.44 8.49 -30.54
CA ASN B 386 -15.40 7.60 -29.38
C ASN B 386 -15.06 8.36 -28.12
N MET B 387 -14.07 9.26 -28.21
CA MET B 387 -13.67 10.06 -27.06
C MET B 387 -14.83 10.87 -26.50
N ASP B 388 -15.64 11.48 -27.38
CA ASP B 388 -16.78 12.27 -26.94
C ASP B 388 -17.85 11.38 -26.33
N ILE B 389 -18.12 10.20 -26.90
CA ILE B 389 -19.12 9.27 -26.38
C ILE B 389 -18.72 8.81 -24.96
N ILE B 390 -17.48 8.37 -24.80
CA ILE B 390 -16.97 7.89 -23.50
C ILE B 390 -17.04 8.99 -22.46
N ALA B 391 -16.55 10.19 -22.80
CA ALA B 391 -16.50 11.28 -21.84
C ALA B 391 -17.91 11.73 -21.45
N LYS B 392 -18.84 11.80 -22.42
CA LYS B 392 -20.22 12.19 -22.10
C LYS B 392 -20.87 11.16 -21.17
N ASN B 393 -20.60 9.86 -21.38
CA ASN B 393 -21.13 8.82 -20.49
C ASN B 393 -20.56 8.89 -19.06
N LEU B 394 -19.44 9.61 -18.89
CA LEU B 394 -18.83 9.80 -17.59
C LEU B 394 -19.09 11.22 -17.00
N GLY B 395 -20.01 11.98 -17.61
CA GLY B 395 -20.42 13.27 -17.06
C GLY B 395 -19.77 14.49 -17.69
N TRP B 396 -18.88 14.29 -18.67
CA TRP B 396 -18.20 15.41 -19.31
C TRP B 396 -19.05 16.10 -20.36
N GLU B 397 -18.81 17.40 -20.56
CA GLU B 397 -19.43 18.17 -21.63
C GLU B 397 -18.37 19.08 -22.24
N ILE B 398 -18.53 19.43 -23.52
CA ILE B 398 -17.54 20.23 -24.24
C ILE B 398 -17.22 21.56 -23.53
N ALA B 399 -18.19 22.21 -22.87
CA ALA B 399 -17.91 23.47 -22.16
C ALA B 399 -16.87 23.28 -21.03
N ASP B 400 -16.67 22.06 -20.54
CA ASP B 400 -15.70 21.81 -19.48
C ASP B 400 -14.25 21.78 -19.98
N GLY B 401 -14.05 21.60 -21.28
CA GLY B 401 -12.74 21.47 -21.85
C GLY B 401 -12.05 20.18 -21.42
N ASP B 402 -10.74 20.12 -21.61
CA ASP B 402 -9.95 18.94 -21.27
C ASP B 402 -9.12 19.17 -19.98
#